data_1OFO
#
_entry.id   1OFO
#
_cell.length_a   196.457
_cell.length_b   50.955
_cell.length_c   64.976
_cell.angle_alpha   90.00
_cell.angle_beta   106.41
_cell.angle_gamma   90.00
#
_symmetry.space_group_name_H-M   'C 1 2 1'
#
loop_
_entity.id
_entity.type
_entity.pdbx_description
1 polymer 'PHOSPHO-2-DEHYDRO-3-DEOXYHEPTONATE ALDOLASE'
2 non-polymer '2-PHOSPHOGLYCOLIC ACID'
3 water water
#
_entity_poly.entity_id   1
_entity_poly.type   'polypeptide(L)'
_entity_poly.pdbx_seq_one_letter_code
;MSESPMFAANGMPKVNQGAEEDVRILGYDPLASPALLQVQIPATPTSLETAKRGRREAIDIITGKDDRVLVIVGPCSIHD
LEAAQEYALRLKKLSDELKGDLSIIMRAYLEKPRTTVGWKGLINDPDVNNTFNINKGLQSARQLFVNLTNIGLPIGSEML
DTISPQYLADLVSFGAIGARTTESQLHRELASGLSFPVGFKNGTDGTLNVAVDACQAAAHSHHFMGVTKHGVAAITTTKG
NEHCFVILRGGKKGTNYDAKSVAEAKAQLPAGSNGLMIDYSHGNSNKDFRNQPKVNDVVCEQIANGENAITGVMIESNIN
EGNQGIPAEGKAGLKYGVSITDACIGWETTEDVLRKLAAAVRQRREVNKK
;
_entity_poly.pdbx_strand_id   A,B
#
loop_
_chem_comp.id
_chem_comp.type
_chem_comp.name
_chem_comp.formula
PGA non-polymer '2-PHOSPHOGLYCOLIC ACID' 'C2 H5 O6 P'
#
# COMPACT_ATOMS: atom_id res chain seq x y z
N ASP A 22 20.07 5.27 10.86
CA ASP A 22 19.20 4.75 11.98
C ASP A 22 18.79 5.81 13.02
N VAL A 23 18.74 7.09 12.63
CA VAL A 23 18.25 8.14 13.52
C VAL A 23 16.80 7.86 14.03
N ARG A 24 15.95 7.22 13.22
CA ARG A 24 14.53 7.05 13.62
C ARG A 24 14.16 5.60 13.89
N ILE A 25 15.17 4.72 13.88
CA ILE A 25 15.02 3.33 14.35
C ILE A 25 15.42 3.23 15.83
N LEU A 26 14.47 2.94 16.73
CA LEU A 26 14.75 2.78 18.17
C LEU A 26 15.61 1.52 18.39
N GLY A 27 15.22 0.43 17.74
CA GLY A 27 16.04 -0.77 17.70
C GLY A 27 15.35 -1.89 16.96
N TYR A 28 15.98 -3.06 17.02
CA TYR A 28 15.48 -4.28 16.42
C TYR A 28 15.44 -5.36 17.49
N ASP A 29 14.41 -6.20 17.47
CA ASP A 29 14.32 -7.30 18.44
C ASP A 29 14.27 -8.56 17.63
N PRO A 30 14.80 -9.65 18.16
CA PRO A 30 14.88 -10.90 17.38
C PRO A 30 13.50 -11.48 17.12
N LEU A 31 13.38 -12.11 15.98
CA LEU A 31 12.14 -12.65 15.51
C LEU A 31 12.34 -14.10 15.10
N ALA A 32 11.54 -15.03 15.66
CA ALA A 32 11.55 -16.43 15.22
C ALA A 32 11.22 -16.53 13.72
N SER A 33 11.91 -17.42 12.99
CA SER A 33 11.65 -17.60 11.58
C SER A 33 10.31 -18.30 11.36
N PRO A 34 9.75 -18.20 10.15
CA PRO A 34 8.57 -18.97 9.81
C PRO A 34 8.77 -20.50 10.04
N ALA A 35 9.95 -20.99 9.64
CA ALA A 35 10.20 -22.40 9.66
C ALA A 35 10.19 -22.84 11.11
N LEU A 36 10.73 -21.99 11.98
CA LEU A 36 10.80 -22.33 13.39
C LEU A 36 9.40 -22.37 14.00
N LEU A 37 8.59 -21.35 13.70
CA LEU A 37 7.26 -21.34 14.25
C LEU A 37 6.43 -22.55 13.76
N GLN A 38 6.61 -22.89 12.51
CA GLN A 38 5.91 -23.99 11.90
C GLN A 38 6.24 -25.31 12.57
N VAL A 39 7.47 -25.48 13.07
CA VAL A 39 7.86 -26.70 13.82
C VAL A 39 7.27 -26.68 15.22
N GLN A 40 7.28 -25.49 15.82
CA GLN A 40 6.81 -25.33 17.19
C GLN A 40 5.29 -25.51 17.28
N ILE A 41 4.58 -25.04 16.25
CA ILE A 41 3.11 -25.15 16.16
C ILE A 41 2.68 -25.81 14.86
N PRO A 42 2.79 -27.15 14.80
CA PRO A 42 2.54 -27.90 13.57
C PRO A 42 1.07 -27.86 13.23
N ALA A 43 0.75 -27.88 11.95
CA ALA A 43 -0.63 -28.03 11.52
C ALA A 43 -1.02 -29.52 11.70
N THR A 44 -2.24 -29.81 12.15
CA THR A 44 -2.66 -31.23 12.20
C THR A 44 -3.02 -31.66 10.78
N PRO A 45 -3.05 -32.99 10.46
CA PRO A 45 -3.60 -33.40 9.17
C PRO A 45 -4.98 -32.80 8.93
N THR A 46 -5.82 -32.70 9.96
CA THR A 46 -7.14 -32.12 9.75
C THR A 46 -7.06 -30.65 9.33
N SER A 47 -6.18 -29.91 9.98
CA SER A 47 -5.96 -28.51 9.62
C SER A 47 -5.56 -28.37 8.16
N LEU A 48 -4.61 -29.20 7.73
CA LEU A 48 -4.13 -29.14 6.34
C LEU A 48 -5.17 -29.53 5.32
N GLU A 49 -5.93 -30.59 5.60
CA GLU A 49 -6.97 -30.99 4.65
C GLU A 49 -8.07 -29.92 4.58
N THR A 50 -8.34 -29.33 5.72
CA THR A 50 -9.33 -28.27 5.79
C THR A 50 -8.92 -27.08 4.92
N ALA A 51 -7.70 -26.59 5.13
CA ALA A 51 -7.23 -25.49 4.31
C ALA A 51 -7.30 -25.84 2.80
N LYS A 52 -6.86 -27.03 2.42
CA LYS A 52 -6.90 -27.41 1.00
C LYS A 52 -8.29 -27.45 0.43
N ARG A 53 -9.23 -28.01 1.20
CA ARG A 53 -10.63 -28.08 0.80
C ARG A 53 -11.26 -26.70 0.65
N GLY A 54 -11.02 -25.81 1.61
CA GLY A 54 -11.51 -24.44 1.53
C GLY A 54 -11.05 -23.79 0.22
N ARG A 55 -9.79 -24.02 -0.16
CA ARG A 55 -9.23 -23.45 -1.41
C ARG A 55 -9.94 -24.00 -2.62
N ARG A 56 -9.99 -25.34 -2.71
CA ARG A 56 -10.75 -26.02 -3.76
C ARG A 56 -12.19 -25.53 -3.93
N GLU A 57 -12.96 -25.45 -2.85
CA GLU A 57 -14.35 -24.97 -2.95
C GLU A 57 -14.44 -23.51 -3.39
N ALA A 58 -13.55 -22.67 -2.83
CA ALA A 58 -13.52 -21.24 -3.17
C ALA A 58 -13.19 -21.02 -4.66
N ILE A 59 -12.17 -21.73 -5.14
CA ILE A 59 -11.84 -21.71 -6.57
C ILE A 59 -13.05 -22.11 -7.45
N ASP A 60 -13.68 -23.24 -7.11
CA ASP A 60 -14.78 -23.77 -7.93
C ASP A 60 -15.91 -22.80 -7.99
N ILE A 61 -16.10 -22.05 -6.90
CA ILE A 61 -17.16 -21.05 -6.90
C ILE A 61 -16.80 -19.81 -7.71
N ILE A 62 -15.62 -19.23 -7.45
CA ILE A 62 -15.32 -17.96 -8.13
C ILE A 62 -15.08 -18.19 -9.61
N THR A 63 -14.77 -19.44 -10.00
CA THR A 63 -14.48 -19.69 -11.43
C THR A 63 -15.70 -20.30 -12.12
N GLY A 64 -16.85 -20.30 -11.42
CA GLY A 64 -18.10 -20.67 -12.05
C GLY A 64 -18.39 -22.18 -12.21
N LYS A 65 -17.56 -23.05 -11.64
CA LYS A 65 -17.76 -24.51 -11.67
C LYS A 65 -18.85 -24.98 -10.71
N ASP A 66 -19.08 -24.20 -9.65
CA ASP A 66 -20.04 -24.57 -8.63
C ASP A 66 -21.01 -23.40 -8.47
N ASP A 67 -22.31 -23.71 -8.34
CA ASP A 67 -23.32 -22.65 -8.23
C ASP A 67 -23.70 -22.28 -6.77
N ARG A 68 -22.93 -22.77 -5.79
CA ARG A 68 -23.03 -22.28 -4.40
C ARG A 68 -22.40 -20.89 -4.32
N VAL A 69 -22.69 -20.18 -3.22
CA VAL A 69 -22.03 -18.90 -2.93
C VAL A 69 -20.96 -19.11 -1.86
N LEU A 70 -19.81 -18.47 -2.10
CA LEU A 70 -18.69 -18.44 -1.19
C LEU A 70 -18.97 -17.32 -0.19
N VAL A 71 -18.88 -17.64 1.08
CA VAL A 71 -19.22 -16.67 2.15
C VAL A 71 -18.04 -16.57 3.06
N ILE A 72 -17.48 -15.36 3.19
CA ILE A 72 -16.40 -15.12 4.15
C ILE A 72 -17.08 -14.38 5.29
N VAL A 73 -17.18 -15.00 6.44
CA VAL A 73 -18.00 -14.42 7.54
C VAL A 73 -17.32 -14.64 8.90
N GLY A 74 -17.34 -13.61 9.74
CA GLY A 74 -16.80 -13.71 11.10
C GLY A 74 -16.39 -12.34 11.58
N PRO A 75 -15.69 -12.30 12.72
CA PRO A 75 -15.33 -11.02 13.36
C PRO A 75 -14.58 -9.99 12.50
N CYS A 76 -14.80 -8.71 12.82
CA CYS A 76 -13.98 -7.68 12.19
C CYS A 76 -12.52 -8.03 12.47
N SER A 77 -12.23 -8.38 13.71
CA SER A 77 -10.89 -8.82 14.09
C SER A 77 -10.98 -9.85 15.19
N ILE A 78 -9.91 -10.64 15.35
CA ILE A 78 -9.81 -11.61 16.44
C ILE A 78 -8.89 -11.05 17.50
N HIS A 79 -9.39 -10.97 18.72
CA HIS A 79 -8.52 -10.54 19.84
C HIS A 79 -8.54 -11.59 20.99
N ASP A 80 -9.37 -12.63 20.83
CA ASP A 80 -9.67 -13.54 21.93
C ASP A 80 -9.81 -14.93 21.39
N LEU A 81 -8.80 -15.79 21.63
CA LEU A 81 -8.76 -17.10 21.00
C LEU A 81 -9.92 -17.99 21.41
N GLU A 82 -10.34 -17.90 22.68
CA GLU A 82 -11.43 -18.76 23.17
C GLU A 82 -12.80 -18.33 22.62
N ALA A 83 -13.03 -17.03 22.55
CA ALA A 83 -14.28 -16.53 21.97
C ALA A 83 -14.27 -16.83 20.46
N ALA A 84 -13.09 -16.72 19.84
CA ALA A 84 -13.01 -17.12 18.40
C ALA A 84 -13.38 -18.61 18.24
N GLN A 85 -12.93 -19.45 19.17
CA GLN A 85 -13.30 -20.86 19.10
C GLN A 85 -14.81 -21.11 19.25
N GLU A 86 -15.45 -20.44 20.19
CA GLU A 86 -16.90 -20.57 20.38
C GLU A 86 -17.65 -20.18 19.10
N TYR A 87 -17.27 -19.03 18.54
CA TYR A 87 -17.87 -18.52 17.31
C TYR A 87 -17.72 -19.59 16.23
N ALA A 88 -16.51 -20.15 16.13
CA ALA A 88 -16.18 -21.12 15.08
C ALA A 88 -17.04 -22.37 15.14
N LEU A 89 -17.24 -22.89 16.35
CA LEU A 89 -18.09 -24.06 16.56
C LEU A 89 -19.55 -23.83 16.08
N ARG A 90 -20.12 -22.65 16.38
CA ARG A 90 -21.48 -22.31 15.92
C ARG A 90 -21.49 -22.18 14.39
N LEU A 91 -20.47 -21.47 13.84
CA LEU A 91 -20.32 -21.35 12.38
C LEU A 91 -20.17 -22.66 11.64
N LYS A 92 -19.37 -23.59 12.18
CA LYS A 92 -19.17 -24.89 11.55
C LYS A 92 -20.49 -25.68 11.54
N LYS A 93 -21.25 -25.55 12.62
CA LYS A 93 -22.54 -26.24 12.71
C LYS A 93 -23.49 -25.75 11.63
N LEU A 94 -23.65 -24.43 11.53
CA LEU A 94 -24.46 -23.80 10.50
C LEU A 94 -23.95 -24.22 9.13
N SER A 95 -22.62 -24.27 8.97
CA SER A 95 -22.03 -24.53 7.67
C SER A 95 -22.33 -26.00 7.21
N ASP A 96 -22.25 -26.94 8.15
CA ASP A 96 -22.68 -28.32 7.89
C ASP A 96 -24.13 -28.37 7.43
N GLU A 97 -25.00 -27.54 8.01
CA GLU A 97 -26.43 -27.52 7.63
C GLU A 97 -26.66 -26.90 6.25
N LEU A 98 -25.91 -25.84 5.94
CA LEU A 98 -26.17 -25.09 4.72
C LEU A 98 -25.21 -25.40 3.57
N LYS A 99 -24.45 -26.48 3.70
CA LYS A 99 -23.36 -26.77 2.76
C LYS A 99 -23.78 -27.14 1.33
N GLY A 100 -25.05 -27.48 1.13
CA GLY A 100 -25.57 -27.63 -0.24
C GLY A 100 -25.65 -26.34 -1.04
N ASP A 101 -25.68 -25.19 -0.34
CA ASP A 101 -25.94 -23.90 -0.92
C ASP A 101 -24.80 -22.89 -0.68
N LEU A 102 -24.08 -23.03 0.44
CA LEU A 102 -23.01 -22.06 0.78
C LEU A 102 -21.69 -22.78 1.13
N SER A 103 -20.56 -22.23 0.68
CA SER A 103 -19.23 -22.70 1.09
C SER A 103 -18.77 -21.61 2.03
N ILE A 104 -18.61 -21.96 3.32
CA ILE A 104 -18.35 -20.95 4.35
C ILE A 104 -16.89 -20.98 4.78
N ILE A 105 -16.28 -19.78 4.78
CA ILE A 105 -14.92 -19.58 5.33
C ILE A 105 -15.04 -18.53 6.44
N MET A 106 -14.41 -18.82 7.56
CA MET A 106 -14.44 -17.89 8.69
C MET A 106 -13.47 -16.75 8.49
N ARG A 107 -13.94 -15.51 8.70
CA ARG A 107 -13.01 -14.39 8.84
C ARG A 107 -12.24 -14.58 10.13
N ALA A 108 -10.93 -14.71 10.04
CA ALA A 108 -10.04 -14.79 11.20
C ALA A 108 -8.99 -13.70 11.04
N TYR A 109 -9.38 -12.43 11.18
CA TYR A 109 -8.49 -11.34 10.73
C TYR A 109 -7.52 -10.94 11.82
N LEU A 110 -6.23 -10.94 11.43
CA LEU A 110 -5.14 -10.80 12.36
C LEU A 110 -4.50 -9.42 12.26
N GLU A 111 -4.80 -8.67 11.18
CA GLU A 111 -4.09 -7.43 10.83
C GLU A 111 -5.09 -6.40 10.40
N LYS A 112 -5.02 -5.24 11.04
CA LYS A 112 -6.06 -4.22 10.90
C LYS A 112 -5.40 -2.90 10.47
N PRO A 113 -5.66 -2.45 9.25
CA PRO A 113 -5.07 -1.17 8.82
C PRO A 113 -5.87 -0.08 9.50
N ARG A 114 -5.20 0.90 10.06
CA ARG A 114 -5.85 1.99 10.75
C ARG A 114 -5.90 3.23 9.85
N THR A 115 -6.89 4.07 10.09
CA THR A 115 -7.02 5.34 9.37
C THR A 115 -5.83 6.22 9.65
N THR A 116 -5.49 6.36 10.94
CA THR A 116 -4.20 6.91 11.35
C THR A 116 -3.47 5.91 12.24
N VAL A 117 -3.84 5.82 13.52
CA VAL A 117 -3.16 4.92 14.47
C VAL A 117 -4.23 4.13 15.25
N GLY A 118 -3.83 3.07 15.95
CA GLY A 118 -4.78 2.30 16.76
C GLY A 118 -4.30 0.85 16.81
N TRP A 119 -5.03 -0.01 17.51
CA TRP A 119 -4.62 -1.41 17.63
C TRP A 119 -4.60 -2.04 16.23
N LYS A 120 -3.47 -2.63 15.88
CA LYS A 120 -3.30 -3.20 14.53
C LYS A 120 -3.63 -4.69 14.44
N GLY A 121 -3.98 -5.28 15.58
CA GLY A 121 -4.42 -6.67 15.61
C GLY A 121 -3.61 -7.63 16.47
N LEU A 122 -3.96 -8.90 16.37
CA LEU A 122 -3.47 -9.94 17.28
C LEU A 122 -1.98 -10.16 17.13
N ILE A 123 -1.45 -10.03 15.90
CA ILE A 123 -0.03 -10.30 15.72
C ILE A 123 0.75 -9.16 16.33
N ASN A 124 0.34 -7.90 16.02
CA ASN A 124 1.17 -6.76 16.38
C ASN A 124 1.18 -6.52 17.86
N ASP A 125 0.08 -6.83 18.52
CA ASP A 125 -0.02 -6.51 19.96
C ASP A 125 -1.03 -7.42 20.62
N PRO A 126 -0.67 -8.69 20.78
CA PRO A 126 -1.62 -9.71 21.27
C PRO A 126 -2.18 -9.40 22.64
N ASP A 127 -1.44 -8.65 23.45
CA ASP A 127 -1.98 -8.28 24.78
C ASP A 127 -2.90 -7.04 24.76
N VAL A 128 -3.01 -6.40 23.60
CA VAL A 128 -3.86 -5.23 23.46
C VAL A 128 -3.56 -4.21 24.56
N ASN A 129 -2.27 -4.01 24.84
CA ASN A 129 -1.88 -3.09 25.92
C ASN A 129 -0.57 -2.38 25.57
N ASN A 130 -0.32 -2.22 24.27
CA ASN A 130 0.84 -1.47 23.80
C ASN A 130 2.18 -2.05 24.24
N THR A 131 2.29 -3.38 24.29
CA THR A 131 3.60 -4.01 24.52
C THR A 131 4.19 -4.65 23.27
N PHE A 132 3.36 -4.82 22.25
CA PHE A 132 3.90 -5.16 20.92
C PHE A 132 4.78 -6.42 20.89
N ASN A 133 4.34 -7.45 21.60
CA ASN A 133 5.08 -8.67 21.67
C ASN A 133 4.73 -9.53 20.42
N ILE A 134 5.40 -9.17 19.30
CA ILE A 134 5.08 -9.75 17.99
C ILE A 134 5.43 -11.24 17.93
N ASN A 135 6.49 -11.71 18.59
CA ASN A 135 6.72 -13.19 18.58
C ASN A 135 5.54 -13.95 19.21
N LYS A 136 5.02 -13.45 20.34
CA LYS A 136 3.83 -14.05 20.97
C LYS A 136 2.59 -13.87 20.08
N GLY A 137 2.47 -12.71 19.45
CA GLY A 137 1.41 -12.52 18.47
C GLY A 137 1.46 -13.53 17.32
N LEU A 138 2.62 -13.77 16.73
CA LEU A 138 2.71 -14.82 15.69
C LEU A 138 2.37 -16.20 16.27
N GLN A 139 2.88 -16.48 17.46
CA GLN A 139 2.49 -17.75 18.12
C GLN A 139 0.95 -17.85 18.32
N SER A 140 0.31 -16.80 18.81
CA SER A 140 -1.13 -16.80 19.05
C SER A 140 -1.87 -16.94 17.72
N ALA A 141 -1.50 -16.13 16.73
CA ALA A 141 -2.13 -16.25 15.41
C ALA A 141 -2.02 -17.68 14.85
N ARG A 142 -0.84 -18.29 14.93
CA ARG A 142 -0.71 -19.60 14.33
C ARG A 142 -1.53 -20.63 15.09
N GLN A 143 -1.43 -20.56 16.42
CA GLN A 143 -2.24 -21.43 17.29
C GLN A 143 -3.73 -21.29 17.01
N LEU A 144 -4.17 -20.06 16.79
CA LEU A 144 -5.58 -19.79 16.42
C LEU A 144 -5.91 -20.44 15.10
N PHE A 145 -5.03 -20.30 14.09
CA PHE A 145 -5.36 -20.80 12.77
C PHE A 145 -5.39 -22.34 12.82
N VAL A 146 -4.53 -22.94 13.62
CA VAL A 146 -4.58 -24.40 13.75
C VAL A 146 -5.91 -24.80 14.46
N ASN A 147 -6.27 -24.11 15.54
CA ASN A 147 -7.50 -24.41 16.32
C ASN A 147 -8.75 -24.35 15.45
N LEU A 148 -8.87 -23.29 14.63
CA LEU A 148 -10.08 -23.14 13.80
C LEU A 148 -10.08 -24.20 12.72
N THR A 149 -8.96 -24.36 12.00
CA THR A 149 -8.95 -25.29 10.86
C THR A 149 -9.03 -26.74 11.31
N ASN A 150 -8.55 -26.98 12.53
CA ASN A 150 -8.62 -28.33 13.11
C ASN A 150 -10.05 -28.82 13.35
N ILE A 151 -11.05 -27.94 13.37
CA ILE A 151 -12.44 -28.38 13.49
C ILE A 151 -13.13 -28.47 12.14
N GLY A 152 -12.34 -28.41 11.08
CA GLY A 152 -12.87 -28.50 9.72
C GLY A 152 -13.47 -27.25 9.14
N LEU A 153 -13.23 -26.10 9.78
CA LEU A 153 -13.70 -24.79 9.32
C LEU A 153 -12.59 -24.03 8.64
N PRO A 154 -12.64 -23.84 7.32
CA PRO A 154 -11.61 -23.01 6.66
C PRO A 154 -11.64 -21.55 7.07
N ILE A 155 -10.45 -20.89 6.99
CA ILE A 155 -10.31 -19.49 7.41
C ILE A 155 -9.73 -18.58 6.33
N GLY A 156 -9.96 -17.29 6.49
CA GLY A 156 -9.35 -16.31 5.60
C GLY A 156 -8.94 -15.11 6.42
N SER A 157 -8.06 -14.26 5.89
CA SER A 157 -7.60 -13.11 6.63
C SER A 157 -7.21 -12.03 5.62
N GLU A 158 -7.19 -10.78 6.04
CA GLU A 158 -6.61 -9.72 5.22
C GLU A 158 -5.11 -9.89 5.27
N MET A 159 -4.50 -9.89 4.09
CA MET A 159 -3.05 -10.04 3.94
C MET A 159 -2.51 -8.60 3.96
N LEU A 160 -2.30 -8.03 5.13
CA LEU A 160 -1.78 -6.66 5.13
C LEU A 160 -0.24 -6.62 5.16
N ASP A 161 0.32 -7.33 6.12
CA ASP A 161 1.78 -7.45 6.25
C ASP A 161 2.23 -8.36 5.06
N THR A 162 3.33 -7.99 4.35
CA THR A 162 3.88 -8.91 3.34
C THR A 162 4.85 -9.98 3.88
N ILE A 163 5.19 -9.90 5.18
CA ILE A 163 6.08 -10.89 5.81
C ILE A 163 5.32 -11.96 6.56
N SER A 164 4.28 -11.60 7.30
CA SER A 164 3.51 -12.55 8.09
C SER A 164 2.90 -13.77 7.37
N PRO A 165 2.49 -13.68 6.09
CA PRO A 165 1.93 -14.85 5.43
C PRO A 165 2.90 -16.04 5.42
N GLN A 166 4.21 -15.83 5.43
CA GLN A 166 5.16 -16.96 5.53
C GLN A 166 4.90 -17.80 6.80
N TYR A 167 4.34 -17.18 7.84
CA TYR A 167 4.11 -17.89 9.11
C TYR A 167 2.81 -18.67 9.18
N LEU A 168 1.89 -18.37 8.27
CA LEU A 168 0.50 -18.76 8.41
C LEU A 168 -0.13 -19.35 7.13
N ALA A 169 0.58 -19.26 5.99
CA ALA A 169 -0.07 -19.48 4.68
C ALA A 169 -0.56 -20.90 4.48
N ASP A 170 0.16 -21.84 5.09
CA ASP A 170 -0.24 -23.24 5.02
C ASP A 170 -1.65 -23.50 5.55
N LEU A 171 -2.16 -22.63 6.43
CA LEU A 171 -3.49 -22.83 7.06
C LEU A 171 -4.63 -22.03 6.42
N VAL A 172 -4.32 -21.18 5.45
CA VAL A 172 -5.26 -20.16 4.98
C VAL A 172 -5.95 -20.61 3.68
N SER A 173 -7.25 -20.37 3.55
CA SER A 173 -7.98 -20.72 2.29
C SER A 173 -8.36 -19.51 1.43
N PHE A 174 -8.24 -18.31 2.01
CA PHE A 174 -8.68 -17.08 1.35
C PHE A 174 -7.91 -15.91 1.93
N GLY A 175 -7.41 -15.03 1.05
CA GLY A 175 -6.84 -13.76 1.50
C GLY A 175 -7.55 -12.56 0.89
N ALA A 176 -7.73 -11.51 1.70
CA ALA A 176 -8.23 -10.26 1.16
C ALA A 176 -7.10 -9.25 1.11
N ILE A 177 -7.13 -8.40 0.09
CA ILE A 177 -6.33 -7.22 0.12
C ILE A 177 -7.27 -6.04 0.41
N GLY A 178 -6.95 -5.25 1.44
CA GLY A 178 -7.88 -4.20 1.89
C GLY A 178 -7.98 -3.05 0.91
N ALA A 179 -9.05 -2.27 1.03
CA ALA A 179 -9.27 -1.11 0.18
C ALA A 179 -8.08 -0.16 0.14
N ARG A 180 -7.41 0.02 1.26
CA ARG A 180 -6.32 0.96 1.33
C ARG A 180 -5.03 0.40 0.71
N THR A 181 -5.03 -0.88 0.34
CA THR A 181 -3.79 -1.47 -0.23
C THR A 181 -4.03 -2.16 -1.56
N THR A 182 -5.24 -2.09 -2.07
CA THR A 182 -5.49 -2.69 -3.40
C THR A 182 -4.61 -2.07 -4.50
N GLU A 183 -4.26 -0.77 -4.36
CA GLU A 183 -3.48 -0.07 -5.37
C GLU A 183 -2.00 -0.30 -5.20
N SER A 184 -1.62 -0.91 -4.07
CA SER A 184 -0.20 -1.03 -3.73
C SER A 184 0.49 -2.11 -4.58
N GLN A 185 1.56 -1.73 -5.29
CA GLN A 185 2.28 -2.68 -6.08
C GLN A 185 2.77 -3.83 -5.21
N LEU A 186 3.13 -3.54 -3.95
CA LEU A 186 3.70 -4.59 -3.09
C LEU A 186 2.66 -5.65 -2.78
N HIS A 187 1.41 -5.22 -2.66
CA HIS A 187 0.37 -6.17 -2.32
C HIS A 187 -0.07 -6.92 -3.55
N ARG A 188 0.04 -6.30 -4.70
CA ARG A 188 -0.23 -7.12 -5.92
C ARG A 188 0.85 -8.16 -6.12
N GLU A 189 2.09 -7.80 -5.85
CA GLU A 189 3.19 -8.77 -5.95
C GLU A 189 2.97 -9.94 -4.96
N LEU A 190 2.65 -9.58 -3.72
CA LEU A 190 2.34 -10.58 -2.71
C LEU A 190 1.27 -11.56 -3.18
N ALA A 191 0.13 -11.04 -3.67
CA ALA A 191 -1.00 -11.89 -4.04
C ALA A 191 -0.63 -12.86 -5.21
N SER A 192 0.27 -12.43 -6.07
CA SER A 192 0.70 -13.21 -7.22
C SER A 192 1.45 -14.44 -6.82
N GLY A 193 1.91 -14.50 -5.57
CA GLY A 193 2.57 -15.69 -5.06
C GLY A 193 1.86 -16.48 -3.97
N LEU A 194 0.66 -16.08 -3.65
CA LEU A 194 -0.13 -16.79 -2.65
C LEU A 194 -0.85 -18.03 -3.22
N SER A 195 -0.86 -19.11 -2.45
CA SER A 195 -1.47 -20.36 -2.95
C SER A 195 -2.97 -20.54 -2.75
N PHE A 196 -3.72 -19.45 -2.68
CA PHE A 196 -5.14 -19.50 -2.47
C PHE A 196 -5.80 -18.27 -3.12
N PRO A 197 -7.10 -18.30 -3.33
CA PRO A 197 -7.79 -17.17 -3.93
C PRO A 197 -7.65 -15.87 -3.10
N VAL A 198 -7.59 -14.74 -3.79
CA VAL A 198 -7.37 -13.44 -3.16
C VAL A 198 -8.42 -12.46 -3.67
N GLY A 199 -9.15 -11.84 -2.74
CA GLY A 199 -10.12 -10.82 -3.10
C GLY A 199 -9.51 -9.42 -2.90
N PHE A 200 -9.57 -8.60 -3.94
CA PHE A 200 -9.17 -7.22 -3.85
C PHE A 200 -10.37 -6.33 -3.64
N LYS A 201 -10.33 -5.50 -2.57
CA LYS A 201 -11.41 -4.56 -2.36
C LYS A 201 -11.32 -3.41 -3.32
N ASN A 202 -12.47 -2.84 -3.69
CA ASN A 202 -12.44 -1.59 -4.46
C ASN A 202 -11.84 -0.47 -3.60
N GLY A 203 -11.49 0.68 -4.20
CA GLY A 203 -10.78 1.71 -3.45
C GLY A 203 -11.70 2.42 -2.46
N THR A 204 -11.10 3.11 -1.49
CA THR A 204 -11.90 3.83 -0.45
C THR A 204 -12.78 4.90 -1.05
N ASP A 205 -12.45 5.36 -2.25
CA ASP A 205 -13.28 6.35 -2.91
C ASP A 205 -14.50 5.73 -3.62
N GLY A 206 -14.60 4.39 -3.60
CA GLY A 206 -15.75 3.67 -4.12
C GLY A 206 -15.65 3.24 -5.57
N THR A 207 -14.49 3.41 -6.19
CA THR A 207 -14.33 3.02 -7.60
C THR A 207 -13.67 1.67 -7.79
N LEU A 208 -14.04 1.06 -8.91
CA LEU A 208 -13.77 -0.34 -9.18
C LEU A 208 -12.45 -0.57 -9.90
N ASN A 209 -11.98 0.45 -10.64
CA ASN A 209 -10.91 0.27 -11.60
C ASN A 209 -9.64 -0.28 -10.90
N VAL A 210 -9.35 0.23 -9.71
CA VAL A 210 -8.16 -0.19 -9.00
C VAL A 210 -8.21 -1.67 -8.62
N ALA A 211 -9.38 -2.21 -8.33
CA ALA A 211 -9.46 -3.63 -7.98
C ALA A 211 -9.35 -4.51 -9.26
N VAL A 212 -9.95 -4.05 -10.35
CA VAL A 212 -9.85 -4.76 -11.64
C VAL A 212 -8.35 -4.78 -12.07
N ASP A 213 -7.71 -3.61 -11.96
CA ASP A 213 -6.28 -3.46 -12.27
C ASP A 213 -5.45 -4.40 -11.39
N ALA A 214 -5.77 -4.47 -10.08
CA ALA A 214 -5.06 -5.38 -9.18
C ALA A 214 -5.15 -6.84 -9.56
N CYS A 215 -6.36 -7.32 -9.88
CA CYS A 215 -6.52 -8.69 -10.32
C CYS A 215 -5.67 -8.95 -11.59
N GLN A 216 -5.63 -7.99 -12.51
CA GLN A 216 -4.75 -8.20 -13.70
C GLN A 216 -3.26 -8.33 -13.29
N ALA A 217 -2.80 -7.38 -12.48
CA ALA A 217 -1.39 -7.33 -12.06
C ALA A 217 -1.04 -8.62 -11.30
N ALA A 218 -1.92 -9.07 -10.44
CA ALA A 218 -1.61 -10.20 -9.58
C ALA A 218 -1.61 -11.53 -10.37
N ALA A 219 -2.20 -11.47 -11.56
CA ALA A 219 -2.28 -12.66 -12.39
C ALA A 219 -0.96 -12.94 -13.10
N HIS A 220 -0.05 -11.94 -13.08
CA HIS A 220 1.26 -12.00 -13.75
C HIS A 220 2.33 -12.50 -12.79
N SER A 221 3.40 -13.07 -13.31
CA SER A 221 4.55 -13.41 -12.45
C SER A 221 5.25 -12.11 -12.06
N HIS A 222 5.74 -12.06 -10.83
CA HIS A 222 6.51 -10.91 -10.36
C HIS A 222 7.84 -11.39 -9.79
N HIS A 223 8.81 -10.50 -9.78
CA HIS A 223 10.15 -10.72 -9.19
C HIS A 223 10.32 -9.62 -8.15
N PHE A 224 10.61 -9.95 -6.90
CA PHE A 224 10.74 -8.88 -5.89
C PHE A 224 11.48 -9.46 -4.68
N MET A 225 11.97 -8.59 -3.82
CA MET A 225 12.66 -9.06 -2.61
C MET A 225 11.63 -9.40 -1.56
N GLY A 226 11.78 -10.55 -0.88
CA GLY A 226 10.85 -11.00 0.13
C GLY A 226 11.56 -11.86 1.18
N VAL A 227 10.88 -12.18 2.26
CA VAL A 227 11.53 -12.89 3.34
C VAL A 227 11.16 -14.36 3.17
N THR A 228 12.13 -15.25 3.29
CA THR A 228 11.86 -16.69 3.14
C THR A 228 11.51 -17.35 4.49
N LYS A 229 11.12 -18.63 4.41
CA LYS A 229 10.81 -19.40 5.62
C LYS A 229 11.97 -19.38 6.58
N HIS A 230 13.19 -19.16 6.10
CA HIS A 230 14.29 -19.15 7.04
C HIS A 230 14.56 -17.77 7.64
N GLY A 231 13.69 -16.82 7.31
CA GLY A 231 13.81 -15.53 7.91
C GLY A 231 14.79 -14.63 7.22
N VAL A 232 15.24 -14.98 6.01
CA VAL A 232 16.24 -14.16 5.37
C VAL A 232 15.60 -13.54 4.12
N ALA A 233 16.08 -12.35 3.73
CA ALA A 233 15.59 -11.76 2.48
C ALA A 233 16.15 -12.47 1.23
N ALA A 234 15.32 -12.72 0.21
CA ALA A 234 15.87 -13.26 -1.02
C ALA A 234 15.06 -12.70 -2.16
N ILE A 235 15.43 -13.06 -3.39
CA ILE A 235 14.63 -12.63 -4.54
C ILE A 235 13.58 -13.70 -4.84
N THR A 236 12.31 -13.32 -4.73
CA THR A 236 11.18 -14.20 -5.00
C THR A 236 10.74 -14.11 -6.45
N THR A 237 10.47 -15.24 -7.08
CA THR A 237 9.79 -15.23 -8.37
C THR A 237 8.45 -15.94 -8.18
N THR A 238 7.38 -15.23 -8.50
CA THR A 238 6.04 -15.85 -8.37
C THR A 238 5.54 -16.33 -9.72
N LYS A 239 4.53 -17.17 -9.68
CA LYS A 239 3.95 -17.59 -10.96
C LYS A 239 2.79 -16.79 -11.48
N GLY A 240 2.20 -15.95 -10.63
CA GLY A 240 0.95 -15.29 -10.98
C GLY A 240 -0.24 -16.08 -10.42
N ASN A 241 -1.26 -15.36 -9.99
CA ASN A 241 -2.42 -15.93 -9.31
C ASN A 241 -3.67 -15.65 -10.11
N GLU A 242 -4.23 -16.73 -10.76
CA GLU A 242 -5.40 -16.66 -11.63
C GLU A 242 -6.71 -16.69 -10.83
N HIS A 243 -6.61 -16.77 -9.48
CA HIS A 243 -7.83 -16.79 -8.67
C HIS A 243 -8.02 -15.51 -7.83
N CYS A 244 -7.81 -14.34 -8.44
CA CYS A 244 -8.13 -13.09 -7.78
C CYS A 244 -9.46 -12.58 -8.32
N PHE A 245 -10.19 -11.90 -7.45
CA PHE A 245 -11.51 -11.39 -7.80
C PHE A 245 -11.75 -10.07 -7.08
N VAL A 246 -12.67 -9.30 -7.60
CA VAL A 246 -13.08 -8.02 -7.07
C VAL A 246 -14.10 -8.19 -5.94
N ILE A 247 -13.88 -7.45 -4.85
CA ILE A 247 -14.87 -7.32 -3.75
C ILE A 247 -15.42 -5.89 -3.74
N LEU A 248 -16.76 -5.78 -3.81
CA LEU A 248 -17.45 -4.51 -3.82
C LEU A 248 -17.79 -4.16 -2.36
N ARG A 249 -17.28 -3.04 -1.90
CA ARG A 249 -17.33 -2.70 -0.47
C ARG A 249 -17.72 -1.21 -0.28
N GLY A 250 -18.34 -0.62 -1.32
CA GLY A 250 -18.75 0.78 -1.28
C GLY A 250 -17.60 1.77 -1.05
N GLY A 251 -17.90 2.99 -0.61
CA GLY A 251 -16.82 3.96 -0.41
C GLY A 251 -17.39 5.35 -0.45
N LYS A 252 -16.52 6.36 -0.61
CA LYS A 252 -17.02 7.76 -0.64
C LYS A 252 -18.13 8.01 -1.66
N LYS A 253 -18.03 7.44 -2.85
CA LYS A 253 -19.02 7.69 -3.91
C LYS A 253 -20.40 7.01 -3.71
N GLY A 254 -20.52 6.22 -2.65
CA GLY A 254 -21.76 5.58 -2.22
C GLY A 254 -21.60 4.06 -2.12
N THR A 255 -22.70 3.36 -1.81
CA THR A 255 -22.71 1.88 -1.68
C THR A 255 -22.75 1.31 -3.09
N ASN A 256 -22.34 0.06 -3.28
CA ASN A 256 -22.23 -0.51 -4.64
C ASN A 256 -22.58 -2.00 -4.64
N TYR A 257 -23.58 -2.37 -3.83
CA TYR A 257 -24.13 -3.73 -3.78
C TYR A 257 -25.39 -3.98 -4.64
N ASP A 258 -25.96 -2.94 -5.20
CA ASP A 258 -27.22 -2.98 -5.94
C ASP A 258 -26.99 -3.43 -7.38
N ALA A 259 -28.10 -3.76 -8.08
CA ALA A 259 -28.03 -4.24 -9.45
C ALA A 259 -27.30 -3.35 -10.42
N LYS A 260 -27.46 -2.02 -10.32
CA LYS A 260 -26.81 -1.14 -11.31
C LYS A 260 -25.30 -1.12 -11.13
N SER A 261 -24.85 -1.07 -9.89
CA SER A 261 -23.40 -1.12 -9.57
C SER A 261 -22.83 -2.46 -9.99
N VAL A 262 -23.56 -3.51 -9.67
CA VAL A 262 -23.15 -4.84 -10.12
C VAL A 262 -22.98 -4.91 -11.66
N ALA A 263 -24.01 -4.48 -12.40
CA ALA A 263 -23.86 -4.33 -13.89
C ALA A 263 -22.66 -3.51 -14.31
N GLU A 264 -22.43 -2.41 -13.64
CA GLU A 264 -21.28 -1.57 -13.92
C GLU A 264 -19.96 -2.33 -13.76
N ALA A 265 -19.84 -3.05 -12.63
CA ALA A 265 -18.69 -3.92 -12.35
C ALA A 265 -18.50 -4.98 -13.44
N LYS A 266 -19.59 -5.69 -13.77
CA LYS A 266 -19.54 -6.75 -14.79
C LYS A 266 -19.02 -6.19 -16.12
N ALA A 267 -19.38 -4.94 -16.42
CA ALA A 267 -18.94 -4.30 -17.67
C ALA A 267 -17.46 -4.00 -17.74
N GLN A 268 -16.83 -3.86 -16.58
CA GLN A 268 -15.43 -3.51 -16.49
C GLN A 268 -14.52 -4.72 -16.41
N LEU A 269 -15.10 -5.93 -16.24
CA LEU A 269 -14.32 -7.14 -16.04
C LEU A 269 -13.88 -7.66 -17.39
N PRO A 270 -12.59 -7.94 -17.50
CA PRO A 270 -11.99 -8.56 -18.71
C PRO A 270 -12.41 -10.01 -18.93
N ALA A 271 -12.13 -10.54 -20.12
CA ALA A 271 -12.39 -11.95 -20.35
C ALA A 271 -11.53 -12.67 -19.36
N GLY A 272 -11.97 -13.81 -18.84
CA GLY A 272 -11.09 -14.56 -17.99
C GLY A 272 -11.36 -14.20 -16.53
N SER A 273 -12.17 -13.17 -16.31
CA SER A 273 -12.44 -12.68 -14.94
C SER A 273 -13.21 -13.66 -14.08
N ASN A 274 -12.90 -13.65 -12.78
CA ASN A 274 -13.68 -14.47 -11.85
C ASN A 274 -14.96 -13.77 -11.41
N GLY A 275 -15.79 -14.45 -10.63
CA GLY A 275 -17.04 -13.84 -10.15
C GLY A 275 -16.75 -12.78 -9.10
N LEU A 276 -17.76 -11.95 -8.84
CA LEU A 276 -17.66 -10.81 -7.92
C LEU A 276 -18.05 -11.27 -6.54
N MET A 277 -17.46 -10.62 -5.53
CA MET A 277 -17.93 -10.82 -4.17
C MET A 277 -18.45 -9.48 -3.61
N ILE A 278 -19.50 -9.53 -2.76
CA ILE A 278 -20.07 -8.27 -2.26
C ILE A 278 -19.88 -8.25 -0.74
N ASP A 279 -19.19 -7.23 -0.26
CA ASP A 279 -18.96 -7.05 1.20
C ASP A 279 -20.17 -6.27 1.75
N TYR A 280 -20.89 -6.87 2.71
CA TYR A 280 -22.12 -6.29 3.29
C TYR A 280 -21.74 -5.16 4.22
N SER A 281 -20.50 -5.18 4.67
CA SER A 281 -20.05 -4.21 5.65
C SER A 281 -19.25 -3.01 5.11
N HIS A 282 -18.51 -2.34 5.98
CA HIS A 282 -17.63 -1.24 5.53
C HIS A 282 -18.36 -0.15 4.75
N GLY A 283 -17.82 0.29 3.61
CA GLY A 283 -18.54 1.25 2.75
C GLY A 283 -20.00 0.85 2.44
N ASN A 284 -20.30 -0.44 2.36
CA ASN A 284 -21.67 -0.83 1.96
C ASN A 284 -22.70 -0.77 3.10
N SER A 285 -22.20 -0.61 4.33
CA SER A 285 -23.06 -0.44 5.53
C SER A 285 -23.25 1.00 6.01
N ASN A 286 -22.55 1.96 5.39
CA ASN A 286 -22.75 3.39 5.73
C ASN A 286 -22.58 3.68 7.20
N LYS A 287 -21.58 3.09 7.82
CA LYS A 287 -21.24 3.34 9.22
C LYS A 287 -22.27 2.79 10.25
N ASP A 288 -22.88 1.64 9.93
CA ASP A 288 -23.90 1.06 10.78
C ASP A 288 -24.04 -0.45 10.53
N PHE A 289 -23.65 -1.29 11.47
CA PHE A 289 -23.75 -2.77 11.31
C PHE A 289 -25.17 -3.28 11.05
N ARG A 290 -26.17 -2.54 11.53
CA ARG A 290 -27.56 -2.91 11.28
C ARG A 290 -27.90 -2.91 9.81
N ASN A 291 -27.07 -2.28 9.00
CA ASN A 291 -27.33 -2.27 7.57
C ASN A 291 -26.95 -3.58 6.84
N GLN A 292 -26.12 -4.41 7.46
CA GLN A 292 -25.70 -5.64 6.79
C GLN A 292 -26.88 -6.51 6.34
N PRO A 293 -27.92 -6.71 7.17
CA PRO A 293 -29.09 -7.46 6.68
C PRO A 293 -29.84 -6.76 5.55
N LYS A 294 -29.77 -5.43 5.47
CA LYS A 294 -30.43 -4.70 4.37
C LYS A 294 -29.69 -4.96 3.07
N VAL A 295 -28.36 -5.00 3.16
CA VAL A 295 -27.55 -5.28 1.96
C VAL A 295 -27.83 -6.73 1.57
N ASN A 296 -27.92 -7.63 2.55
CA ASN A 296 -28.30 -9.02 2.27
C ASN A 296 -29.56 -9.12 1.46
N ASP A 297 -30.59 -8.36 1.82
CA ASP A 297 -31.88 -8.54 1.15
C ASP A 297 -31.73 -8.14 -0.30
N VAL A 298 -31.03 -7.06 -0.57
CA VAL A 298 -30.88 -6.59 -1.95
C VAL A 298 -30.00 -7.58 -2.79
N VAL A 299 -28.96 -8.09 -2.16
CA VAL A 299 -28.10 -9.07 -2.82
C VAL A 299 -28.82 -10.38 -3.09
N CYS A 300 -29.60 -10.82 -2.11
CA CYS A 300 -30.41 -12.04 -2.29
C CYS A 300 -31.43 -11.88 -3.42
N GLU A 301 -31.99 -10.67 -3.57
CA GLU A 301 -32.99 -10.46 -4.62
C GLU A 301 -32.32 -10.63 -5.98
N GLN A 302 -31.15 -10.02 -6.15
CA GLN A 302 -30.36 -10.28 -7.35
C GLN A 302 -30.05 -11.74 -7.59
N ILE A 303 -29.58 -12.43 -6.59
CA ILE A 303 -29.18 -13.83 -6.77
C ILE A 303 -30.43 -14.72 -7.13
N ALA A 304 -31.46 -14.61 -6.31
CA ALA A 304 -32.67 -15.43 -6.45
C ALA A 304 -33.29 -15.26 -7.83
N ASN A 305 -33.09 -14.07 -8.42
CA ASN A 305 -33.62 -13.77 -9.75
C ASN A 305 -32.70 -14.09 -10.92
N GLY A 306 -31.56 -14.70 -10.64
CA GLY A 306 -30.75 -15.28 -11.70
C GLY A 306 -29.40 -14.60 -11.94
N GLU A 307 -28.99 -13.70 -11.03
CA GLU A 307 -27.65 -13.07 -11.16
C GLU A 307 -26.57 -14.10 -10.86
N ASN A 308 -25.88 -14.57 -11.88
CA ASN A 308 -24.79 -15.52 -11.59
C ASN A 308 -23.41 -14.92 -11.42
N ALA A 309 -23.25 -13.62 -11.68
CA ALA A 309 -21.93 -13.00 -11.52
C ALA A 309 -21.57 -12.72 -10.04
N ILE A 310 -22.59 -12.73 -9.18
CA ILE A 310 -22.34 -12.64 -7.73
C ILE A 310 -22.03 -14.04 -7.23
N THR A 311 -20.76 -14.28 -6.91
CA THR A 311 -20.37 -15.60 -6.44
C THR A 311 -19.96 -15.64 -4.96
N GLY A 312 -19.82 -14.46 -4.36
CA GLY A 312 -19.32 -14.41 -2.99
C GLY A 312 -19.95 -13.26 -2.24
N VAL A 313 -20.04 -13.41 -0.92
CA VAL A 313 -20.38 -12.29 -0.05
C VAL A 313 -19.42 -12.31 1.14
N MET A 314 -19.26 -11.14 1.79
CA MET A 314 -18.50 -11.01 3.03
C MET A 314 -19.36 -10.32 4.11
N ILE A 315 -19.24 -10.80 5.34
CA ILE A 315 -20.10 -10.37 6.43
C ILE A 315 -19.29 -10.22 7.69
N GLU A 316 -19.41 -9.06 8.37
CA GLU A 316 -18.72 -8.89 9.65
C GLU A 316 -19.65 -9.22 10.79
N SER A 317 -19.35 -10.34 11.44
CA SER A 317 -20.21 -11.06 12.35
C SER A 317 -19.43 -11.49 13.60
N ASN A 318 -20.01 -11.26 14.77
CA ASN A 318 -19.41 -11.80 15.99
C ASN A 318 -20.48 -12.48 16.84
N ILE A 319 -20.08 -13.01 18.01
CA ILE A 319 -21.04 -13.64 18.94
C ILE A 319 -22.12 -12.62 19.27
N ASN A 320 -21.67 -11.45 19.73
CA ASN A 320 -22.58 -10.35 20.06
C ASN A 320 -22.38 -9.15 19.14
N GLU A 321 -23.40 -8.30 19.01
CA GLU A 321 -23.36 -7.18 18.04
C GLU A 321 -22.54 -6.01 18.56
N GLY A 322 -22.27 -5.06 17.68
CA GLY A 322 -21.69 -3.78 18.07
C GLY A 322 -20.18 -3.88 18.18
N ASN A 323 -19.63 -2.98 18.98
CA ASN A 323 -18.19 -2.95 19.25
C ASN A 323 -17.98 -2.32 20.62
N GLN A 324 -16.72 -2.12 21.01
CA GLN A 324 -16.44 -1.51 22.31
C GLN A 324 -15.04 -0.84 22.27
N GLY A 325 -14.83 0.09 23.19
CA GLY A 325 -13.50 0.65 23.42
C GLY A 325 -12.53 -0.31 24.07
N ILE A 326 -11.25 -0.02 23.86
CA ILE A 326 -10.15 -0.72 24.54
C ILE A 326 -9.86 0.14 25.76
N PRO A 327 -10.09 -0.36 27.00
CA PRO A 327 -9.65 0.38 28.21
C PRO A 327 -8.15 0.11 28.52
N ALA A 332 -8.97 -7.63 28.78
CA ALA A 332 -8.77 -7.01 30.09
C ALA A 332 -10.11 -6.90 30.87
N GLY A 333 -10.75 -5.71 30.83
CA GLY A 333 -12.16 -5.59 31.23
C GLY A 333 -13.11 -5.53 30.02
N LEU A 334 -12.67 -6.10 28.90
CA LEU A 334 -13.44 -6.21 27.65
C LEU A 334 -14.68 -7.09 27.88
N LYS A 335 -15.80 -6.73 27.25
CA LYS A 335 -16.98 -7.58 27.28
C LYS A 335 -16.78 -8.73 26.27
N TYR A 336 -17.17 -9.94 26.70
CA TYR A 336 -16.96 -11.16 25.91
C TYR A 336 -17.71 -11.12 24.58
N GLY A 337 -17.02 -11.47 23.49
CA GLY A 337 -17.72 -11.75 22.24
C GLY A 337 -18.16 -10.51 21.50
N VAL A 338 -17.52 -9.39 21.84
CA VAL A 338 -17.80 -8.13 21.20
C VAL A 338 -16.51 -7.57 20.59
N SER A 339 -16.61 -7.08 19.35
CA SER A 339 -15.51 -6.53 18.57
C SER A 339 -14.82 -5.37 19.30
N ILE A 340 -13.48 -5.35 19.28
CA ILE A 340 -12.76 -4.16 19.70
C ILE A 340 -12.28 -3.29 18.50
N THR A 341 -12.74 -3.62 17.29
CA THR A 341 -12.49 -2.77 16.10
C THR A 341 -13.85 -2.32 15.54
N ASP A 342 -14.15 -2.61 14.28
CA ASP A 342 -15.48 -2.25 13.73
C ASP A 342 -16.67 -3.05 14.30
N ALA A 343 -17.85 -2.40 14.27
CA ALA A 343 -19.13 -2.98 14.72
C ALA A 343 -19.52 -4.16 13.84
N CYS A 344 -19.96 -5.26 14.45
CA CYS A 344 -20.44 -6.44 13.72
C CYS A 344 -21.88 -6.71 14.05
N ILE A 345 -22.57 -7.47 13.18
CA ILE A 345 -23.87 -8.03 13.54
C ILE A 345 -23.62 -9.18 14.52
N GLY A 346 -24.57 -9.42 15.45
CA GLY A 346 -24.46 -10.53 16.38
C GLY A 346 -24.71 -11.89 15.73
N TRP A 347 -24.55 -12.95 16.52
CA TRP A 347 -24.68 -14.29 15.97
C TRP A 347 -26.08 -14.53 15.42
N GLU A 348 -27.10 -14.02 16.13
CA GLU A 348 -28.47 -14.47 15.81
C GLU A 348 -28.88 -13.85 14.46
N THR A 349 -28.58 -12.57 14.29
CA THR A 349 -28.74 -11.93 12.98
C THR A 349 -27.96 -12.65 11.89
N THR A 350 -26.75 -13.12 12.23
CA THR A 350 -25.93 -13.87 11.24
C THR A 350 -26.63 -15.10 10.71
N GLU A 351 -27.24 -15.89 11.61
CA GLU A 351 -27.93 -17.14 11.22
C GLU A 351 -29.08 -16.79 10.31
N ASP A 352 -29.77 -15.71 10.58
CA ASP A 352 -30.90 -15.32 9.72
C ASP A 352 -30.47 -14.95 8.31
N VAL A 353 -29.45 -14.09 8.25
CA VAL A 353 -28.88 -13.63 7.02
C VAL A 353 -28.41 -14.84 6.16
N LEU A 354 -27.71 -15.78 6.79
CA LEU A 354 -27.14 -16.91 6.03
C LEU A 354 -28.21 -17.86 5.47
N ARG A 355 -29.23 -18.10 6.29
CA ARG A 355 -30.32 -18.99 5.85
C ARG A 355 -31.05 -18.32 4.70
N LYS A 356 -31.20 -17.01 4.78
CA LYS A 356 -31.82 -16.20 3.73
C LYS A 356 -31.00 -16.28 2.45
N LEU A 357 -29.69 -16.17 2.61
CA LEU A 357 -28.77 -16.26 1.48
C LEU A 357 -28.82 -17.67 0.85
N ALA A 358 -28.86 -18.71 1.66
CA ALA A 358 -28.95 -20.07 1.13
C ALA A 358 -30.27 -20.27 0.33
N ALA A 359 -31.36 -19.66 0.81
CA ALA A 359 -32.63 -19.70 0.12
C ALA A 359 -32.50 -19.06 -1.25
N ALA A 360 -31.80 -17.92 -1.30
CA ALA A 360 -31.63 -17.24 -2.57
C ALA A 360 -30.82 -18.10 -3.55
N VAL A 361 -29.77 -18.79 -3.06
CA VAL A 361 -28.98 -19.74 -3.87
C VAL A 361 -29.85 -20.86 -4.47
N ARG A 362 -30.69 -21.43 -3.64
CA ARG A 362 -31.66 -22.42 -4.13
C ARG A 362 -32.61 -21.88 -5.21
N GLN A 363 -33.11 -20.65 -5.06
CA GLN A 363 -34.00 -20.04 -6.04
C GLN A 363 -33.24 -19.81 -7.34
N ARG A 364 -31.97 -19.38 -7.24
CA ARG A 364 -31.18 -19.11 -8.43
C ARG A 364 -31.04 -20.39 -9.27
N ARG A 365 -30.83 -21.51 -8.60
CA ARG A 365 -30.79 -22.80 -9.27
C ARG A 365 -32.05 -23.06 -10.08
N GLU A 366 -33.21 -22.77 -9.49
CA GLU A 366 -34.48 -22.90 -10.20
C GLU A 366 -34.48 -22.05 -11.46
N VAL A 367 -34.06 -20.79 -11.33
CA VAL A 367 -34.01 -19.87 -12.46
C VAL A 367 -33.06 -20.38 -13.57
N ASN A 368 -31.92 -20.93 -13.18
CA ASN A 368 -30.95 -21.46 -14.15
C ASN A 368 -31.37 -22.72 -14.90
N LYS A 369 -32.35 -23.45 -14.38
CA LYS A 369 -32.89 -24.65 -15.10
C LYS A 369 -33.87 -24.32 -16.26
N VAL B 23 2.91 -23.27 -3.97
CA VAL B 23 2.49 -23.66 -5.37
C VAL B 23 2.66 -22.48 -6.35
N ARG B 24 2.68 -21.25 -5.85
CA ARG B 24 2.76 -20.07 -6.73
C ARG B 24 4.10 -19.33 -6.57
N ILE B 25 5.01 -19.95 -5.82
CA ILE B 25 6.41 -19.49 -5.80
C ILE B 25 7.27 -20.34 -6.72
N LEU B 26 7.79 -19.73 -7.79
CA LEU B 26 8.66 -20.44 -8.72
C LEU B 26 9.96 -20.78 -8.03
N GLY B 27 10.55 -19.77 -7.40
CA GLY B 27 11.67 -20.02 -6.51
C GLY B 27 12.24 -18.75 -5.92
N TYR B 28 13.40 -18.90 -5.27
CA TYR B 28 14.09 -17.84 -4.53
C TYR B 28 15.52 -17.85 -5.02
N ASP B 29 16.06 -16.66 -5.25
CA ASP B 29 17.46 -16.55 -5.65
C ASP B 29 18.18 -15.73 -4.61
N PRO B 30 19.45 -15.99 -4.39
CA PRO B 30 20.17 -15.31 -3.31
C PRO B 30 20.31 -13.82 -3.56
N LEU B 31 20.32 -13.11 -2.45
CA LEU B 31 20.28 -11.67 -2.44
C LEU B 31 21.40 -11.17 -1.55
N ALA B 32 22.30 -10.34 -2.09
CA ALA B 32 23.30 -9.68 -1.27
C ALA B 32 22.65 -8.85 -0.15
N SER B 33 23.25 -8.81 1.06
CA SER B 33 22.64 -8.06 2.17
C SER B 33 22.93 -6.57 1.98
N PRO B 34 22.12 -5.68 2.58
CA PRO B 34 22.44 -4.25 2.54
C PRO B 34 23.88 -3.98 3.00
N ALA B 35 24.28 -4.60 4.10
CA ALA B 35 25.60 -4.34 4.68
C ALA B 35 26.68 -4.75 3.72
N LEU B 36 26.44 -5.82 2.99
CA LEU B 36 27.47 -6.31 2.06
C LEU B 36 27.62 -5.27 0.94
N LEU B 37 26.47 -4.83 0.40
CA LEU B 37 26.49 -3.88 -0.71
C LEU B 37 27.06 -2.51 -0.27
N GLN B 38 26.81 -2.12 0.98
CA GLN B 38 27.45 -0.92 1.49
C GLN B 38 29.00 -1.00 1.60
N VAL B 39 29.52 -2.20 1.85
CA VAL B 39 30.98 -2.40 1.77
C VAL B 39 31.51 -2.39 0.36
N GLN B 40 30.78 -3.05 -0.54
CA GLN B 40 31.17 -3.23 -1.94
C GLN B 40 31.14 -1.91 -2.69
N ILE B 41 30.16 -1.05 -2.34
CA ILE B 41 30.01 0.26 -3.00
C ILE B 41 29.95 1.34 -1.96
N PRO B 42 31.11 1.75 -1.45
CA PRO B 42 31.11 2.63 -0.29
C PRO B 42 30.68 4.04 -0.66
N ALA B 43 30.02 4.69 0.27
CA ALA B 43 29.80 6.12 0.10
C ALA B 43 31.15 6.82 0.24
N THR B 44 31.38 7.89 -0.50
CA THR B 44 32.52 8.75 -0.18
C THR B 44 32.15 9.73 0.93
N PRO B 45 33.15 10.38 1.54
CA PRO B 45 32.85 11.38 2.57
C PRO B 45 32.05 12.54 1.98
N THR B 46 32.30 12.92 0.73
CA THR B 46 31.49 13.95 0.07
C THR B 46 30.03 13.46 -0.13
N SER B 47 29.87 12.20 -0.52
CA SER B 47 28.51 11.65 -0.67
C SER B 47 27.75 11.80 0.64
N LEU B 48 28.37 11.38 1.72
CA LEU B 48 27.72 11.41 3.03
C LEU B 48 27.39 12.82 3.48
N GLU B 49 28.32 13.75 3.33
CA GLU B 49 28.08 15.13 3.67
C GLU B 49 26.92 15.75 2.86
N THR B 50 26.90 15.46 1.57
CA THR B 50 25.85 15.94 0.67
C THR B 50 24.48 15.45 1.12
N ALA B 51 24.37 14.16 1.45
CA ALA B 51 23.10 13.61 1.92
C ALA B 51 22.68 14.30 3.20
N LYS B 52 23.60 14.45 4.14
CA LYS B 52 23.26 15.12 5.39
C LYS B 52 22.83 16.54 5.12
N ARG B 53 23.54 17.23 4.22
CA ARG B 53 23.18 18.63 3.98
C ARG B 53 21.79 18.78 3.34
N GLY B 54 21.54 17.91 2.34
CA GLY B 54 20.23 17.85 1.71
C GLY B 54 19.11 17.72 2.76
N ARG B 55 19.29 16.83 3.73
CA ARG B 55 18.27 16.63 4.74
C ARG B 55 18.10 17.87 5.57
N ARG B 56 19.20 18.46 6.03
CA ARG B 56 19.11 19.67 6.87
C ARG B 56 18.35 20.76 6.13
N GLU B 57 18.73 20.97 4.87
CA GLU B 57 18.12 22.07 4.12
C GLU B 57 16.65 21.79 3.89
N ALA B 58 16.30 20.54 3.57
CA ALA B 58 14.88 20.20 3.33
C ALA B 58 14.05 20.36 4.58
N ILE B 59 14.61 19.89 5.69
CA ILE B 59 13.93 20.10 6.97
C ILE B 59 13.64 21.61 7.29
N ASP B 60 14.67 22.45 7.15
CA ASP B 60 14.54 23.88 7.49
C ASP B 60 13.46 24.55 6.63
N ILE B 61 13.36 24.12 5.37
CA ILE B 61 12.32 24.64 4.50
C ILE B 61 10.94 24.18 4.86
N ILE B 62 10.75 22.86 4.98
CA ILE B 62 9.38 22.34 5.23
C ILE B 62 8.83 22.74 6.59
N THR B 63 9.74 22.94 7.55
CA THR B 63 9.36 23.38 8.89
C THR B 63 9.36 24.89 9.09
N GLY B 64 9.54 25.67 8.01
CA GLY B 64 9.40 27.10 8.14
C GLY B 64 10.58 27.91 8.62
N LYS B 65 11.77 27.29 8.86
CA LYS B 65 12.95 28.03 9.33
C LYS B 65 13.61 28.84 8.22
N ASP B 66 13.40 28.40 6.99
CA ASP B 66 14.09 28.98 5.85
C ASP B 66 13.03 29.38 4.80
N ASP B 67 13.22 30.54 4.17
CA ASP B 67 12.19 31.02 3.24
C ASP B 67 12.52 30.68 1.78
N ARG B 68 13.50 29.81 1.56
CA ARG B 68 13.74 29.28 0.21
C ARG B 68 12.71 28.20 -0.09
N VAL B 69 12.56 27.83 -1.36
CA VAL B 69 11.64 26.75 -1.70
C VAL B 69 12.44 25.50 -1.97
N LEU B 70 11.93 24.36 -1.52
CA LEU B 70 12.60 23.10 -1.75
C LEU B 70 12.11 22.53 -3.10
N VAL B 71 13.02 22.14 -3.98
CA VAL B 71 12.67 21.70 -5.34
C VAL B 71 13.14 20.25 -5.55
N ILE B 72 12.20 19.38 -5.83
CA ILE B 72 12.60 18.00 -6.16
C ILE B 72 12.46 17.91 -7.64
N VAL B 73 13.56 17.80 -8.36
CA VAL B 73 13.50 17.97 -9.82
C VAL B 73 14.42 16.96 -10.53
N GLY B 74 13.91 16.29 -11.56
CA GLY B 74 14.78 15.44 -12.36
C GLY B 74 13.90 14.42 -13.08
N PRO B 75 14.51 13.39 -13.65
CA PRO B 75 13.75 12.39 -14.46
C PRO B 75 12.53 11.71 -13.79
N CYS B 76 11.53 11.34 -14.59
CA CYS B 76 10.46 10.48 -14.05
C CYS B 76 11.11 9.22 -13.45
N SER B 77 12.09 8.66 -14.18
CA SER B 77 12.84 7.49 -13.75
C SER B 77 14.25 7.51 -14.33
N ILE B 78 15.14 6.82 -13.65
CA ILE B 78 16.52 6.66 -14.13
C ILE B 78 16.65 5.25 -14.77
N HIS B 79 17.02 5.21 -16.04
CA HIS B 79 17.41 3.94 -16.68
C HIS B 79 18.88 3.91 -17.16
N ASP B 80 19.58 5.03 -16.99
CA ASP B 80 20.86 5.23 -17.65
C ASP B 80 21.70 6.09 -16.75
N LEU B 81 22.75 5.51 -16.17
CA LEU B 81 23.57 6.19 -15.18
C LEU B 81 24.34 7.34 -15.84
N GLU B 82 24.74 7.18 -17.10
CA GLU B 82 25.61 8.19 -17.71
C GLU B 82 24.78 9.42 -18.01
N ALA B 83 23.58 9.20 -18.54
CA ALA B 83 22.68 10.31 -18.80
C ALA B 83 22.31 10.97 -17.48
N ALA B 84 22.07 10.16 -16.45
CA ALA B 84 21.76 10.76 -15.15
C ALA B 84 22.91 11.64 -14.64
N GLN B 85 24.15 11.22 -14.91
CA GLN B 85 25.28 12.00 -14.40
C GLN B 85 25.37 13.36 -15.13
N GLU B 86 25.19 13.33 -16.43
CA GLU B 86 25.33 14.56 -17.22
C GLU B 86 24.22 15.52 -16.79
N TYR B 87 23.00 14.97 -16.62
CA TYR B 87 21.89 15.73 -16.03
C TYR B 87 22.26 16.33 -14.66
N ALA B 88 22.86 15.54 -13.77
CA ALA B 88 23.25 16.02 -12.43
C ALA B 88 24.24 17.18 -12.50
N LEU B 89 25.16 17.08 -13.43
CA LEU B 89 26.20 18.06 -13.52
C LEU B 89 25.57 19.39 -13.93
N ARG B 90 24.59 19.38 -14.82
CA ARG B 90 23.87 20.62 -15.22
C ARG B 90 23.05 21.11 -14.03
N LEU B 91 22.39 20.18 -13.37
CA LEU B 91 21.57 20.58 -12.24
C LEU B 91 22.40 21.11 -11.09
N LYS B 92 23.61 20.55 -10.85
CA LYS B 92 24.42 21.05 -9.75
C LYS B 92 24.89 22.47 -10.07
N LYS B 93 25.22 22.70 -11.34
CA LYS B 93 25.65 24.03 -11.73
C LYS B 93 24.49 25.06 -11.55
N LEU B 94 23.28 24.70 -11.96
CA LEU B 94 22.14 25.63 -11.79
C LEU B 94 21.85 25.79 -10.30
N SER B 95 21.98 24.70 -9.56
CA SER B 95 21.78 24.73 -8.12
C SER B 95 22.71 25.77 -7.46
N ASP B 96 23.97 25.76 -7.87
CA ASP B 96 24.90 26.75 -7.34
C ASP B 96 24.47 28.17 -7.71
N GLU B 97 23.91 28.39 -8.90
CA GLU B 97 23.42 29.72 -9.29
C GLU B 97 22.24 30.20 -8.43
N LEU B 98 21.32 29.28 -8.13
CA LEU B 98 20.03 29.64 -7.54
C LEU B 98 19.96 29.34 -6.02
N LYS B 99 21.08 29.02 -5.41
CA LYS B 99 21.06 28.56 -4.01
C LYS B 99 20.60 29.58 -2.94
N GLY B 100 20.60 30.87 -3.21
CA GLY B 100 20.02 31.81 -2.24
C GLY B 100 18.51 31.72 -2.17
N ASP B 101 17.91 31.11 -3.19
CA ASP B 101 16.48 31.06 -3.29
C ASP B 101 15.87 29.67 -3.33
N LEU B 102 16.60 28.68 -3.88
CA LEU B 102 16.05 27.32 -3.99
C LEU B 102 17.01 26.31 -3.35
N SER B 103 16.44 25.30 -2.69
CA SER B 103 17.24 24.17 -2.26
C SER B 103 16.85 23.02 -3.19
N ILE B 104 17.79 22.53 -3.96
CA ILE B 104 17.49 21.59 -5.05
C ILE B 104 17.96 20.21 -4.70
N ILE B 105 17.06 19.24 -4.85
CA ILE B 105 17.34 17.82 -4.70
C ILE B 105 16.97 17.16 -6.03
N MET B 106 17.85 16.32 -6.55
CA MET B 106 17.54 15.62 -7.81
C MET B 106 16.63 14.42 -7.58
N ARG B 107 15.58 14.27 -8.41
CA ARG B 107 14.82 13.03 -8.51
C ARG B 107 15.70 11.98 -9.10
N ALA B 108 16.02 10.94 -8.31
CA ALA B 108 16.70 9.79 -8.83
C ALA B 108 15.82 8.57 -8.55
N TYR B 109 14.73 8.44 -9.30
CA TYR B 109 13.72 7.47 -8.95
C TYR B 109 14.05 6.11 -9.49
N LEU B 110 14.17 5.14 -8.56
CA LEU B 110 14.56 3.80 -8.94
C LEU B 110 13.40 2.81 -9.06
N GLU B 111 12.24 3.15 -8.52
CA GLU B 111 11.12 2.22 -8.35
C GLU B 111 9.90 2.90 -8.86
N LYS B 112 9.21 2.19 -9.74
CA LYS B 112 8.05 2.77 -10.43
C LYS B 112 6.83 1.86 -10.27
N PRO B 113 5.78 2.37 -9.63
CA PRO B 113 4.54 1.58 -9.45
C PRO B 113 3.78 1.68 -10.77
N ARG B 114 3.27 0.55 -11.24
CA ARG B 114 2.62 0.47 -12.54
C ARG B 114 1.13 0.39 -12.29
N THR B 115 0.36 0.79 -13.30
CA THR B 115 -1.10 0.76 -13.17
C THR B 115 -1.54 -0.68 -13.13
N THR B 116 -0.96 -1.52 -14.00
CA THR B 116 -1.09 -2.98 -13.90
C THR B 116 0.31 -3.60 -13.90
N VAL B 117 0.89 -3.71 -15.08
CA VAL B 117 2.23 -4.28 -15.20
C VAL B 117 3.07 -3.40 -16.12
N GLY B 118 4.38 -3.54 -16.02
CA GLY B 118 5.29 -2.84 -16.91
C GLY B 118 6.63 -2.71 -16.18
N TRP B 119 7.60 -2.07 -16.84
CA TRP B 119 8.94 -1.90 -16.23
C TRP B 119 8.84 -1.18 -14.87
N LYS B 120 9.34 -1.85 -13.83
CA LYS B 120 9.26 -1.31 -12.45
C LYS B 120 10.45 -0.42 -12.03
N GLY B 121 11.47 -0.33 -12.90
CA GLY B 121 12.59 0.55 -12.65
C GLY B 121 13.94 -0.15 -12.62
N LEU B 122 14.97 0.63 -12.34
CA LEU B 122 16.36 0.17 -12.36
C LEU B 122 16.68 -1.01 -11.43
N ILE B 123 16.11 -0.99 -10.21
CA ILE B 123 16.46 -2.03 -9.23
C ILE B 123 15.87 -3.33 -9.73
N ASN B 124 14.59 -3.28 -10.06
CA ASN B 124 13.91 -4.51 -10.41
C ASN B 124 14.39 -5.17 -11.67
N ASP B 125 14.75 -4.38 -12.69
CA ASP B 125 15.14 -4.97 -13.96
C ASP B 125 16.08 -4.01 -14.71
N PRO B 126 17.33 -3.96 -14.26
CA PRO B 126 18.29 -2.96 -14.75
C PRO B 126 18.57 -3.02 -16.26
N ASP B 127 18.52 -4.23 -16.80
CA ASP B 127 18.78 -4.46 -18.23
C ASP B 127 17.53 -4.10 -19.04
N VAL B 128 16.43 -3.76 -18.37
CA VAL B 128 15.18 -3.38 -19.05
C VAL B 128 14.78 -4.44 -20.12
N ASN B 129 14.92 -5.71 -19.79
CA ASN B 129 14.65 -6.73 -20.81
C ASN B 129 13.97 -7.94 -20.22
N ASN B 130 13.27 -7.72 -19.12
CA ASN B 130 12.59 -8.80 -18.42
C ASN B 130 13.49 -9.98 -17.94
N THR B 131 14.69 -9.66 -17.45
CA THR B 131 15.52 -10.68 -16.79
C THR B 131 15.68 -10.51 -15.28
N PHE B 132 15.37 -9.31 -14.77
CA PHE B 132 15.13 -9.15 -13.34
C PHE B 132 16.34 -9.42 -12.48
N ASN B 133 17.47 -8.86 -12.90
CA ASN B 133 18.70 -9.13 -12.17
C ASN B 133 18.77 -8.12 -11.00
N ILE B 134 18.01 -8.40 -9.94
CA ILE B 134 17.87 -7.47 -8.79
C ILE B 134 19.20 -7.21 -8.09
N ASN B 135 20.07 -8.21 -7.99
CA ASN B 135 21.36 -7.89 -7.35
C ASN B 135 22.13 -6.81 -8.18
N LYS B 136 22.10 -6.95 -9.49
CA LYS B 136 22.76 -5.98 -10.37
C LYS B 136 22.02 -4.62 -10.29
N GLY B 137 20.70 -4.66 -10.19
CA GLY B 137 19.91 -3.44 -10.06
C GLY B 137 20.24 -2.68 -8.78
N LEU B 138 20.39 -3.40 -7.67
CA LEU B 138 20.81 -2.81 -6.44
C LEU B 138 22.23 -2.25 -6.53
N GLN B 139 23.15 -2.95 -7.19
CA GLN B 139 24.51 -2.39 -7.36
C GLN B 139 24.45 -1.14 -8.26
N SER B 140 23.70 -1.18 -9.34
CA SER B 140 23.57 -0.01 -10.23
C SER B 140 22.94 1.14 -9.47
N ALA B 141 21.82 0.87 -8.76
CA ALA B 141 21.20 1.87 -7.86
C ALA B 141 22.14 2.50 -6.87
N ARG B 142 22.87 1.67 -6.12
CA ARG B 142 23.79 2.28 -5.16
C ARG B 142 24.94 3.04 -5.82
N GLN B 143 25.54 2.46 -6.87
CA GLN B 143 26.61 3.18 -7.60
C GLN B 143 26.07 4.56 -8.13
N LEU B 144 24.84 4.57 -8.60
CA LEU B 144 24.22 5.79 -9.15
C LEU B 144 24.08 6.80 -8.02
N PHE B 145 23.54 6.32 -6.90
CA PHE B 145 23.37 7.26 -5.77
C PHE B 145 24.69 7.81 -5.23
N VAL B 146 25.72 6.99 -5.11
CA VAL B 146 27.05 7.51 -4.84
C VAL B 146 27.53 8.51 -5.90
N ASN B 147 27.42 8.17 -7.19
CA ASN B 147 27.89 9.04 -8.28
C ASN B 147 27.26 10.45 -8.20
N LEU B 148 25.94 10.50 -8.00
CA LEU B 148 25.20 11.76 -7.86
C LEU B 148 25.55 12.54 -6.59
N THR B 149 25.51 11.89 -5.42
CA THR B 149 25.80 12.65 -4.23
C THR B 149 27.30 13.05 -4.19
N ASN B 150 28.15 12.26 -4.81
CA ASN B 150 29.61 12.56 -4.76
C ASN B 150 30.01 13.92 -5.46
N ILE B 151 29.13 14.43 -6.32
CA ILE B 151 29.35 15.74 -6.96
C ILE B 151 28.67 16.86 -6.16
N GLY B 152 28.13 16.51 -4.99
CA GLY B 152 27.57 17.45 -4.03
C GLY B 152 26.10 17.77 -4.36
N LEU B 153 25.43 16.89 -5.09
CA LEU B 153 24.00 17.07 -5.39
C LEU B 153 23.10 16.08 -4.60
N PRO B 154 22.24 16.55 -3.68
CA PRO B 154 21.41 15.64 -2.90
C PRO B 154 20.37 15.00 -3.80
N ILE B 155 19.88 13.83 -3.44
CA ILE B 155 18.95 13.07 -4.24
C ILE B 155 17.77 12.61 -3.46
N GLY B 156 16.72 12.28 -4.20
CA GLY B 156 15.49 11.83 -3.57
C GLY B 156 14.87 10.76 -4.43
N SER B 157 14.04 9.89 -3.84
CA SER B 157 13.49 8.79 -4.61
C SER B 157 12.12 8.43 -4.03
N GLU B 158 11.26 7.82 -4.82
CA GLU B 158 10.02 7.29 -4.24
C GLU B 158 10.35 5.98 -3.51
N MET B 159 9.86 5.85 -2.28
CA MET B 159 10.11 4.68 -1.45
C MET B 159 8.92 3.77 -1.73
N LEU B 160 9.05 2.91 -2.72
CA LEU B 160 7.97 1.94 -3.01
C LEU B 160 8.24 0.64 -2.27
N ASP B 161 9.42 0.09 -2.51
CA ASP B 161 9.83 -1.16 -1.87
C ASP B 161 10.14 -0.85 -0.37
N THR B 162 9.63 -1.67 0.55
CA THR B 162 10.00 -1.50 1.94
C THR B 162 11.34 -2.13 2.34
N ILE B 163 11.98 -2.90 1.47
CA ILE B 163 13.30 -3.53 1.80
C ILE B 163 14.48 -2.76 1.18
N SER B 164 14.29 -2.25 -0.02
CA SER B 164 15.24 -1.40 -0.76
C SER B 164 15.92 -0.28 0.00
N PRO B 165 15.20 0.44 0.85
CA PRO B 165 15.83 1.55 1.56
C PRO B 165 16.98 1.10 2.43
N GLN B 166 17.01 -0.13 2.94
CA GLN B 166 18.17 -0.57 3.72
C GLN B 166 19.48 -0.46 2.94
N TYR B 167 19.39 -0.62 1.63
CA TYR B 167 20.58 -0.60 0.75
C TYR B 167 21.07 0.80 0.35
N LEU B 168 20.21 1.79 0.54
CA LEU B 168 20.39 3.08 -0.14
C LEU B 168 20.19 4.33 0.72
N ALA B 169 19.56 4.12 1.88
CA ALA B 169 19.16 5.22 2.79
C ALA B 169 20.23 6.17 3.24
N ASP B 170 21.43 5.65 3.45
CA ASP B 170 22.52 6.53 3.81
C ASP B 170 22.81 7.63 2.77
N LEU B 171 22.35 7.43 1.52
CA LEU B 171 22.67 8.39 0.46
C LEU B 171 21.52 9.35 0.13
N VAL B 172 20.36 9.13 0.75
CA VAL B 172 19.10 9.77 0.30
C VAL B 172 18.74 10.93 1.21
N SER B 173 18.30 12.05 0.62
CA SER B 173 17.90 13.23 1.42
C SER B 173 16.37 13.50 1.50
N PHE B 174 15.61 12.81 0.67
CA PHE B 174 14.17 12.97 0.60
C PHE B 174 13.57 11.68 0.09
N GLY B 175 12.42 11.28 0.68
CA GLY B 175 11.65 10.17 0.12
C GLY B 175 10.22 10.58 -0.18
N ALA B 176 9.66 10.03 -1.26
CA ALA B 176 8.28 10.27 -1.57
C ALA B 176 7.51 8.96 -1.37
N ILE B 177 6.28 9.06 -0.90
CA ILE B 177 5.36 7.90 -0.93
C ILE B 177 4.36 8.21 -2.03
N GLY B 178 4.23 7.30 -2.99
CA GLY B 178 3.40 7.59 -4.15
C GLY B 178 1.93 7.63 -3.86
N ALA B 179 1.16 8.22 -4.77
CA ALA B 179 -0.30 8.32 -4.64
C ALA B 179 -0.97 6.98 -4.37
N ARG B 180 -0.48 5.92 -5.01
CA ARG B 180 -1.07 4.59 -4.81
C ARG B 180 -0.72 3.88 -3.50
N THR B 181 0.22 4.43 -2.76
CA THR B 181 0.65 3.83 -1.48
C THR B 181 0.59 4.74 -0.27
N THR B 182 0.18 5.98 -0.45
CA THR B 182 -0.02 6.86 0.70
C THR B 182 -1.00 6.28 1.72
N GLU B 183 -2.00 5.55 1.26
CA GLU B 183 -2.97 4.91 2.17
C GLU B 183 -2.46 3.64 2.89
N SER B 184 -1.34 3.09 2.42
CA SER B 184 -0.86 1.78 2.91
C SER B 184 -0.17 1.93 4.30
N GLN B 185 -0.66 1.15 5.26
CA GLN B 185 -0.09 1.15 6.59
C GLN B 185 1.36 0.75 6.51
N LEU B 186 1.75 -0.11 5.53
CA LEU B 186 3.14 -0.52 5.48
C LEU B 186 4.06 0.66 5.14
N HIS B 187 3.56 1.58 4.30
CA HIS B 187 4.41 2.67 3.86
C HIS B 187 4.46 3.78 4.92
N ARG B 188 3.36 3.93 5.64
CA ARG B 188 3.37 4.85 6.81
C ARG B 188 4.34 4.35 7.91
N GLU B 189 4.33 3.04 8.17
CA GLU B 189 5.34 2.43 9.06
C GLU B 189 6.78 2.69 8.62
N LEU B 190 7.03 2.43 7.34
CA LEU B 190 8.30 2.67 6.72
C LEU B 190 8.74 4.10 6.95
N ALA B 191 7.88 5.06 6.64
CA ALA B 191 8.27 6.46 6.71
C ALA B 191 8.66 6.85 8.14
N SER B 192 8.00 6.22 9.11
CA SER B 192 8.12 6.57 10.54
C SER B 192 9.53 6.27 11.02
N GLY B 193 10.26 5.45 10.25
CA GLY B 193 11.61 5.01 10.58
C GLY B 193 12.68 5.53 9.63
N LEU B 194 12.31 6.36 8.65
CA LEU B 194 13.30 6.90 7.72
C LEU B 194 14.01 8.11 8.30
N SER B 195 15.33 8.25 8.09
CA SER B 195 16.02 9.41 8.66
C SER B 195 16.02 10.68 7.76
N PHE B 196 14.97 10.91 7.00
CA PHE B 196 14.93 12.08 6.12
C PHE B 196 13.46 12.49 5.92
N PRO B 197 13.21 13.70 5.45
CA PRO B 197 11.86 14.13 5.17
C PRO B 197 11.14 13.25 4.17
N VAL B 198 9.84 13.05 4.39
CA VAL B 198 9.05 12.14 3.51
C VAL B 198 7.80 12.91 3.04
N GLY B 199 7.61 13.01 1.72
CA GLY B 199 6.41 13.60 1.19
C GLY B 199 5.36 12.55 0.82
N PHE B 200 4.15 12.66 1.36
CA PHE B 200 3.08 11.82 0.97
C PHE B 200 2.26 12.49 -0.12
N LYS B 201 2.23 11.85 -1.29
CA LYS B 201 1.30 12.28 -2.35
C LYS B 201 -0.19 12.16 -1.97
N ASN B 202 -1.03 13.11 -2.37
CA ASN B 202 -2.46 12.92 -2.18
C ASN B 202 -2.97 11.72 -3.00
N GLY B 203 -4.17 11.25 -2.68
CA GLY B 203 -4.68 10.03 -3.31
C GLY B 203 -4.93 10.15 -4.81
N THR B 204 -4.99 9.01 -5.50
CA THR B 204 -5.21 9.06 -6.95
C THR B 204 -6.58 9.70 -7.29
N ASP B 205 -7.50 9.74 -6.33
CA ASP B 205 -8.78 10.45 -6.59
C ASP B 205 -8.69 11.96 -6.47
N GLY B 206 -7.53 12.47 -6.08
CA GLY B 206 -7.31 13.90 -6.06
C GLY B 206 -7.62 14.60 -4.75
N THR B 207 -7.96 13.86 -3.71
CA THR B 207 -8.22 14.53 -2.42
C THR B 207 -7.08 14.29 -1.44
N LEU B 208 -7.04 15.10 -0.37
CA LEU B 208 -5.87 15.20 0.51
C LEU B 208 -5.96 14.45 1.79
N ASN B 209 -7.19 14.07 2.19
CA ASN B 209 -7.42 13.36 3.48
C ASN B 209 -6.43 12.22 3.75
N VAL B 210 -6.22 11.36 2.77
CA VAL B 210 -5.32 10.23 3.02
C VAL B 210 -3.88 10.67 3.22
N ALA B 211 -3.46 11.77 2.60
CA ALA B 211 -2.08 12.28 2.78
C ALA B 211 -1.95 12.96 4.17
N VAL B 212 -2.98 13.66 4.62
CA VAL B 212 -3.01 14.23 5.97
C VAL B 212 -2.97 13.13 7.05
N ASP B 213 -3.81 12.11 6.89
CA ASP B 213 -3.81 10.93 7.79
C ASP B 213 -2.44 10.23 7.78
N ALA B 214 -1.85 10.10 6.61
CA ALA B 214 -0.52 9.44 6.53
C ALA B 214 0.56 10.18 7.30
N CYS B 215 0.56 11.51 7.20
CA CYS B 215 1.52 12.33 7.94
C CYS B 215 1.28 12.15 9.45
N GLN B 216 0.02 12.12 9.88
CA GLN B 216 -0.29 11.82 11.29
C GLN B 216 0.28 10.45 11.71
N ALA B 217 -0.04 9.43 10.92
CA ALA B 217 0.38 8.05 11.20
C ALA B 217 1.89 7.95 11.24
N ALA B 218 2.61 8.60 10.31
CA ALA B 218 4.04 8.36 10.23
C ALA B 218 4.76 9.10 11.31
N ALA B 219 4.06 10.06 11.94
CA ALA B 219 4.70 10.82 13.04
C ALA B 219 4.78 9.99 14.34
N HIS B 220 4.05 8.87 14.38
CA HIS B 220 3.98 8.03 15.58
C HIS B 220 5.03 6.95 15.51
N SER B 221 5.42 6.43 16.67
CA SER B 221 6.28 5.24 16.75
C SER B 221 5.51 4.02 16.23
N HIS B 222 6.19 3.10 15.51
CA HIS B 222 5.53 1.86 15.07
C HIS B 222 6.40 0.68 15.41
N HIS B 223 5.75 -0.48 15.52
CA HIS B 223 6.44 -1.75 15.73
C HIS B 223 6.01 -2.64 14.59
N PHE B 224 6.97 -3.21 13.86
CA PHE B 224 6.62 -4.11 12.74
C PHE B 224 7.82 -4.95 12.31
N MET B 225 7.53 -6.02 11.56
CA MET B 225 8.59 -6.90 11.03
C MET B 225 9.21 -6.20 9.85
N GLY B 226 10.55 -6.22 9.77
CA GLY B 226 11.26 -5.58 8.68
C GLY B 226 12.60 -6.24 8.49
N VAL B 227 13.26 -5.95 7.37
CA VAL B 227 14.56 -6.59 7.07
C VAL B 227 15.66 -5.67 7.58
N THR B 228 16.64 -6.25 8.27
CA THR B 228 17.78 -5.49 8.74
C THR B 228 18.94 -5.40 7.75
N LYS B 229 19.97 -4.65 8.16
CA LYS B 229 21.21 -4.56 7.37
C LYS B 229 21.87 -5.90 7.08
N HIS B 230 21.64 -6.87 7.94
CA HIS B 230 22.25 -8.19 7.70
C HIS B 230 21.37 -9.11 6.83
N GLY B 231 20.29 -8.52 6.33
CA GLY B 231 19.35 -9.24 5.51
C GLY B 231 18.50 -10.27 6.18
N VAL B 232 18.29 -10.14 7.48
CA VAL B 232 17.36 -11.05 8.14
C VAL B 232 16.18 -10.29 8.65
N ALA B 233 15.06 -10.95 8.75
CA ALA B 233 13.87 -10.31 9.28
C ALA B 233 13.95 -10.15 10.81
N ALA B 234 13.50 -9.01 11.33
CA ALA B 234 13.50 -8.76 12.79
C ALA B 234 12.36 -7.82 13.12
N ILE B 235 12.12 -7.56 14.41
CA ILE B 235 11.04 -6.63 14.79
C ILE B 235 11.62 -5.23 14.92
N THR B 236 11.16 -4.28 14.10
CA THR B 236 11.66 -2.90 14.13
C THR B 236 10.80 -2.06 15.05
N THR B 237 11.43 -1.21 15.86
CA THR B 237 10.71 -0.16 16.52
C THR B 237 11.16 1.19 15.97
N THR B 238 10.21 1.98 15.44
CA THR B 238 10.60 3.31 14.93
C THR B 238 10.30 4.41 15.89
N LYS B 239 10.84 5.57 15.65
CA LYS B 239 10.55 6.60 16.64
C LYS B 239 9.46 7.53 16.18
N GLY B 240 9.09 7.48 14.91
CA GLY B 240 8.12 8.43 14.39
C GLY B 240 8.88 9.52 13.59
N ASN B 241 8.27 10.01 12.51
CA ASN B 241 8.92 10.98 11.62
C ASN B 241 8.10 12.28 11.59
N GLU B 242 8.64 13.34 12.22
CA GLU B 242 7.96 14.63 12.29
C GLU B 242 8.19 15.43 11.02
N HIS B 243 8.98 14.93 10.08
CA HIS B 243 9.25 15.70 8.86
C HIS B 243 8.54 15.15 7.63
N CYS B 244 7.29 14.72 7.81
CA CYS B 244 6.43 14.30 6.69
C CYS B 244 5.51 15.46 6.29
N PHE B 245 5.24 15.58 4.99
CA PHE B 245 4.44 16.69 4.50
C PHE B 245 3.60 16.20 3.33
N VAL B 246 2.58 16.98 3.00
CA VAL B 246 1.68 16.61 1.90
C VAL B 246 2.20 17.11 0.56
N ILE B 247 2.09 16.29 -0.50
CA ILE B 247 2.39 16.75 -1.87
C ILE B 247 1.08 16.80 -2.68
N LEU B 248 0.76 17.97 -3.22
CA LEU B 248 -0.45 18.16 -4.02
C LEU B 248 -0.19 17.74 -5.46
N ARG B 249 -0.90 16.71 -5.96
CA ARG B 249 -0.55 16.17 -7.26
C ARG B 249 -1.71 15.91 -8.20
N GLY B 250 -2.81 16.61 -7.95
CA GLY B 250 -4.06 16.39 -8.68
C GLY B 250 -4.57 14.93 -8.60
N GLY B 251 -5.45 14.56 -9.55
CA GLY B 251 -6.09 13.25 -9.55
C GLY B 251 -7.47 13.31 -10.19
N LYS B 252 -8.30 12.30 -9.98
CA LYS B 252 -9.61 12.25 -10.68
C LYS B 252 -10.48 13.52 -10.46
N LYS B 253 -10.52 14.01 -9.22
CA LYS B 253 -11.31 15.17 -8.82
C LYS B 253 -10.92 16.46 -9.59
N GLY B 254 -9.70 16.51 -10.17
CA GLY B 254 -9.16 17.71 -10.84
C GLY B 254 -7.75 18.11 -10.35
N THR B 255 -7.16 19.12 -10.97
CA THR B 255 -5.83 19.59 -10.54
C THR B 255 -5.93 20.26 -9.18
N ASN B 256 -4.83 20.37 -8.45
CA ASN B 256 -4.87 21.08 -7.18
C ASN B 256 -3.65 21.92 -6.89
N TYR B 257 -3.26 22.77 -7.85
CA TYR B 257 -2.09 23.63 -7.64
C TYR B 257 -2.48 25.10 -7.51
N ASP B 258 -3.76 25.40 -7.67
CA ASP B 258 -4.22 26.79 -7.69
C ASP B 258 -4.55 27.35 -6.30
N ALA B 259 -4.82 28.64 -6.22
CA ALA B 259 -4.99 29.24 -4.91
C ALA B 259 -6.16 28.63 -4.11
N LYS B 260 -7.27 28.33 -4.79
CA LYS B 260 -8.39 27.69 -4.09
C LYS B 260 -7.95 26.30 -3.53
N SER B 261 -7.25 25.52 -4.33
CA SER B 261 -6.80 24.20 -3.89
C SER B 261 -5.87 24.33 -2.65
N VAL B 262 -4.93 25.27 -2.74
CA VAL B 262 -4.00 25.57 -1.66
C VAL B 262 -4.73 26.06 -0.41
N ALA B 263 -5.69 26.98 -0.57
CA ALA B 263 -6.49 27.41 0.57
C ALA B 263 -7.24 26.23 1.22
N GLU B 264 -7.83 25.34 0.40
CA GLU B 264 -8.56 24.18 0.94
C GLU B 264 -7.59 23.26 1.64
N ALA B 265 -6.37 23.18 1.12
CA ALA B 265 -5.40 22.25 1.72
C ALA B 265 -4.97 22.78 3.07
N LYS B 266 -4.67 24.08 3.14
CA LYS B 266 -4.20 24.69 4.40
C LYS B 266 -5.33 24.52 5.44
N ALA B 267 -6.57 24.66 5.00
CA ALA B 267 -7.73 24.40 5.89
C ALA B 267 -7.81 23.00 6.53
N GLN B 268 -7.24 21.99 5.89
CA GLN B 268 -7.31 20.69 6.53
C GLN B 268 -6.04 20.22 7.24
N LEU B 269 -4.98 21.01 7.18
CA LEU B 269 -3.76 20.71 7.92
C LEU B 269 -3.93 20.91 9.44
N PRO B 270 -3.62 19.89 10.23
CA PRO B 270 -3.60 20.05 11.70
C PRO B 270 -2.55 21.00 12.19
N ALA B 271 -2.67 21.45 13.44
CA ALA B 271 -1.59 22.19 14.05
C ALA B 271 -0.33 21.35 13.99
N GLY B 272 0.81 22.00 13.89
CA GLY B 272 2.05 21.26 13.81
C GLY B 272 2.40 20.76 12.42
N SER B 273 1.53 20.97 11.42
CA SER B 273 1.84 20.48 10.05
C SER B 273 3.03 21.22 9.40
N ASN B 274 3.71 20.52 8.48
CA ASN B 274 4.79 21.12 7.72
C ASN B 274 4.18 21.76 6.48
N GLY B 275 4.99 22.50 5.74
CA GLY B 275 4.50 23.20 4.55
C GLY B 275 4.16 22.22 3.43
N LEU B 276 3.42 22.72 2.45
CA LEU B 276 2.92 21.92 1.34
C LEU B 276 3.92 21.88 0.20
N MET B 277 3.93 20.78 -0.54
CA MET B 277 4.70 20.75 -1.75
C MET B 277 3.74 20.56 -2.93
N ILE B 278 4.00 21.23 -4.06
CA ILE B 278 3.12 21.10 -5.25
C ILE B 278 3.84 20.33 -6.39
N ASP B 279 3.30 19.16 -6.76
CA ASP B 279 3.84 18.42 -7.91
C ASP B 279 3.29 19.06 -9.18
N TYR B 280 4.17 19.46 -10.08
CA TYR B 280 3.76 20.16 -11.30
C TYR B 280 3.24 19.17 -12.31
N SER B 281 3.57 17.91 -12.07
CA SER B 281 3.36 16.86 -13.06
C SER B 281 2.26 15.92 -12.65
N HIS B 282 2.31 14.69 -13.16
CA HIS B 282 1.28 13.68 -12.89
C HIS B 282 -0.14 14.27 -13.02
N GLY B 283 -0.94 14.15 -11.98
CA GLY B 283 -2.28 14.70 -12.02
C GLY B 283 -2.32 16.20 -12.37
N ASN B 284 -1.36 16.94 -11.89
CA ASN B 284 -1.41 18.40 -12.04
C ASN B 284 -1.11 18.84 -13.45
N SER B 285 -0.61 17.92 -14.27
CA SER B 285 -0.30 18.24 -15.66
C SER B 285 -1.31 17.79 -16.71
N ASN B 286 -2.43 17.24 -16.26
CA ASN B 286 -3.51 16.85 -17.19
C ASN B 286 -2.96 15.92 -18.26
N LYS B 287 -2.01 15.06 -17.85
CA LYS B 287 -1.33 14.08 -18.71
C LYS B 287 -0.51 14.68 -19.88
N ASP B 288 0.27 15.73 -19.59
CA ASP B 288 0.90 16.49 -20.66
C ASP B 288 2.01 17.33 -20.08
N PHE B 289 3.22 16.82 -20.22
CA PHE B 289 4.41 17.45 -19.64
C PHE B 289 4.56 18.93 -20.01
N ARG B 290 4.06 19.32 -21.19
CA ARG B 290 4.13 20.76 -21.57
C ARG B 290 3.30 21.66 -20.65
N ASN B 291 2.43 21.08 -19.81
CA ASN B 291 1.73 21.89 -18.83
C ASN B 291 2.58 22.25 -17.60
N GLN B 292 3.72 21.61 -17.37
CA GLN B 292 4.46 21.96 -16.13
C GLN B 292 4.82 23.47 -15.99
N PRO B 293 5.27 24.14 -17.06
CA PRO B 293 5.53 25.59 -16.96
C PRO B 293 4.29 26.45 -16.74
N LYS B 294 3.14 25.95 -17.16
CA LYS B 294 1.90 26.67 -16.85
C LYS B 294 1.57 26.54 -15.38
N VAL B 295 1.76 25.34 -14.84
CA VAL B 295 1.52 25.11 -13.44
C VAL B 295 2.53 25.99 -12.67
N ASN B 296 3.79 26.06 -13.15
CA ASN B 296 4.79 26.95 -12.54
C ASN B 296 4.32 28.42 -12.40
N ASP B 297 3.75 28.97 -13.47
CA ASP B 297 3.21 30.34 -13.46
C ASP B 297 2.18 30.58 -12.38
N VAL B 298 1.25 29.65 -12.23
CA VAL B 298 0.20 29.80 -11.27
C VAL B 298 0.78 29.65 -9.85
N VAL B 299 1.77 28.78 -9.73
CA VAL B 299 2.38 28.59 -8.39
C VAL B 299 3.29 29.75 -7.98
N CYS B 300 4.08 30.23 -8.95
CA CYS B 300 4.86 31.47 -8.80
C CYS B 300 4.01 32.67 -8.38
N GLU B 301 2.83 32.81 -8.97
CA GLU B 301 2.00 33.96 -8.68
C GLU B 301 1.55 33.96 -7.22
N GLN B 302 1.25 32.78 -6.70
CA GLN B 302 0.89 32.66 -5.27
C GLN B 302 2.09 32.95 -4.37
N ILE B 303 3.23 32.32 -4.64
CA ILE B 303 4.44 32.55 -3.86
C ILE B 303 4.86 34.06 -3.86
N ALA B 304 4.97 34.64 -5.06
CA ALA B 304 5.39 36.02 -5.24
C ALA B 304 4.51 36.98 -4.46
N ASN B 305 3.23 36.65 -4.31
CA ASN B 305 2.27 37.53 -3.64
C ASN B 305 2.06 37.27 -2.15
N GLY B 306 2.87 36.36 -1.59
CA GLY B 306 2.93 36.18 -0.16
C GLY B 306 2.50 34.83 0.41
N GLU B 307 2.32 33.84 -0.46
CA GLU B 307 1.91 32.52 0.01
C GLU B 307 3.10 31.78 0.65
N ASN B 308 3.09 31.68 1.99
CA ASN B 308 4.18 31.05 2.71
C ASN B 308 3.96 29.55 3.00
N ALA B 309 2.73 29.10 2.82
CA ALA B 309 2.43 27.65 2.98
C ALA B 309 2.99 26.75 1.88
N ILE B 310 3.28 27.32 0.70
CA ILE B 310 3.91 26.54 -0.37
C ILE B 310 5.39 26.56 -0.11
N THR B 311 5.95 25.42 0.31
CA THR B 311 7.35 25.34 0.64
C THR B 311 8.18 24.46 -0.29
N GLY B 312 7.51 23.72 -1.15
CA GLY B 312 8.23 22.83 -2.06
C GLY B 312 7.52 22.69 -3.41
N VAL B 313 8.24 22.29 -4.44
CA VAL B 313 7.66 21.94 -5.74
C VAL B 313 8.38 20.69 -6.24
N MET B 314 7.75 19.96 -7.14
CA MET B 314 8.33 18.76 -7.72
C MET B 314 8.08 18.85 -9.24
N ILE B 315 9.15 18.58 -9.99
CA ILE B 315 9.22 18.78 -11.44
C ILE B 315 9.80 17.56 -12.11
N GLU B 316 9.14 17.07 -13.16
CA GLU B 316 9.66 15.96 -13.92
C GLU B 316 10.38 16.53 -15.14
N SER B 317 11.70 16.35 -15.15
CA SER B 317 12.66 17.03 -15.99
C SER B 317 13.77 16.08 -16.39
N ASN B 318 14.17 16.21 -17.64
CA ASN B 318 15.27 15.40 -18.16
C ASN B 318 16.13 16.23 -19.10
N ILE B 319 17.20 15.63 -19.65
CA ILE B 319 18.04 16.36 -20.60
C ILE B 319 17.19 16.84 -21.79
N ASN B 320 16.48 15.90 -22.39
CA ASN B 320 15.64 16.21 -23.52
C ASN B 320 14.21 15.97 -23.13
N GLU B 321 13.29 16.67 -23.77
CA GLU B 321 11.85 16.60 -23.41
C GLU B 321 11.19 15.31 -23.92
N GLY B 322 10.01 15.02 -23.36
CA GLY B 322 9.11 13.99 -23.84
C GLY B 322 9.39 12.64 -23.21
N ASN B 323 8.91 11.60 -23.90
CA ASN B 323 9.23 10.22 -23.52
C ASN B 323 9.37 9.33 -24.76
N GLN B 324 9.60 8.03 -24.54
CA GLN B 324 9.70 7.05 -25.63
C GLN B 324 9.21 5.70 -25.08
N GLY B 325 8.71 4.81 -25.94
CA GLY B 325 8.28 3.49 -25.53
C GLY B 325 9.49 2.55 -25.43
N ILE B 326 9.38 1.49 -24.60
CA ILE B 326 10.44 0.45 -24.46
C ILE B 326 10.29 -0.63 -25.52
N LYS B 335 16.97 6.48 -27.57
CA LYS B 335 17.38 7.91 -27.51
C LYS B 335 17.99 8.31 -26.15
N TYR B 336 19.14 8.97 -26.21
CA TYR B 336 19.83 9.51 -25.03
C TYR B 336 19.02 10.64 -24.37
N GLY B 337 19.00 10.65 -23.04
CA GLY B 337 18.46 11.79 -22.29
C GLY B 337 16.96 11.92 -22.40
N VAL B 338 16.28 10.87 -22.84
CA VAL B 338 14.82 10.89 -22.97
C VAL B 338 14.15 9.76 -22.14
N SER B 339 13.21 10.14 -21.30
CA SER B 339 12.48 9.22 -20.38
C SER B 339 11.89 8.02 -21.06
N ILE B 340 12.05 6.83 -20.45
CA ILE B 340 11.27 5.64 -20.87
C ILE B 340 9.97 5.37 -20.07
N THR B 341 9.60 6.30 -19.19
CA THR B 341 8.33 6.24 -18.45
C THR B 341 7.50 7.49 -18.85
N ASP B 342 7.14 8.34 -17.89
CA ASP B 342 6.33 9.55 -18.15
C ASP B 342 7.14 10.62 -18.87
N ALA B 343 6.45 11.50 -19.60
CA ALA B 343 7.13 12.57 -20.32
C ALA B 343 7.63 13.66 -19.34
N CYS B 344 8.85 14.15 -19.59
CA CYS B 344 9.47 15.20 -18.83
C CYS B 344 9.63 16.48 -19.63
N ILE B 345 9.72 17.65 -18.98
CA ILE B 345 10.29 18.82 -19.69
C ILE B 345 11.79 18.67 -19.93
N GLY B 346 12.30 19.45 -20.88
CA GLY B 346 13.70 19.32 -21.28
C GLY B 346 14.56 20.25 -20.44
N TRP B 347 15.89 20.20 -20.62
CA TRP B 347 16.78 20.95 -19.76
C TRP B 347 16.52 22.47 -19.84
N GLU B 348 16.39 22.97 -21.07
CA GLU B 348 16.26 24.41 -21.27
C GLU B 348 14.99 24.96 -20.61
N THR B 349 13.88 24.28 -20.80
CA THR B 349 12.64 24.64 -20.12
C THR B 349 12.82 24.63 -18.59
N THR B 350 13.53 23.62 -18.12
CA THR B 350 13.82 23.45 -16.69
C THR B 350 14.55 24.67 -16.14
N GLU B 351 15.62 25.14 -16.82
CA GLU B 351 16.30 26.38 -16.41
C GLU B 351 15.32 27.52 -16.26
N ASP B 352 14.45 27.64 -17.27
CA ASP B 352 13.57 28.80 -17.29
C ASP B 352 12.57 28.71 -16.14
N VAL B 353 12.04 27.50 -15.92
CA VAL B 353 11.08 27.29 -14.84
C VAL B 353 11.75 27.66 -13.49
N LEU B 354 12.97 27.15 -13.29
CA LEU B 354 13.57 27.27 -11.97
C LEU B 354 14.04 28.73 -11.74
N ARG B 355 14.50 29.39 -12.78
CA ARG B 355 14.85 30.82 -12.63
C ARG B 355 13.63 31.66 -12.34
N LYS B 356 12.47 31.28 -12.88
CA LYS B 356 11.25 32.03 -12.60
C LYS B 356 10.82 31.77 -11.16
N LEU B 357 10.99 30.52 -10.73
CA LEU B 357 10.65 30.13 -9.37
C LEU B 357 11.48 30.88 -8.37
N ALA B 358 12.78 30.94 -8.60
CA ALA B 358 13.71 31.68 -7.78
C ALA B 358 13.29 33.17 -7.61
N ALA B 359 12.92 33.79 -8.73
CA ALA B 359 12.40 35.16 -8.72
C ALA B 359 11.16 35.29 -7.83
N ALA B 360 10.21 34.36 -7.96
CA ALA B 360 9.03 34.36 -7.14
C ALA B 360 9.40 34.29 -5.63
N VAL B 361 10.42 33.48 -5.30
CA VAL B 361 10.94 33.38 -3.91
C VAL B 361 11.47 34.75 -3.39
N ARG B 362 12.20 35.45 -4.26
CA ARG B 362 12.73 36.76 -3.93
C ARG B 362 11.62 37.77 -3.69
N GLN B 363 10.62 37.79 -4.56
CA GLN B 363 9.41 38.58 -4.36
C GLN B 363 8.63 38.31 -3.06
N ARG B 364 8.41 37.04 -2.75
CA ARG B 364 7.84 36.69 -1.46
C ARG B 364 8.64 37.27 -0.27
N ARG B 365 9.98 37.26 -0.35
CA ARG B 365 10.78 37.83 0.74
C ARG B 365 10.42 39.31 0.87
N GLU B 366 10.24 39.99 -0.25
CA GLU B 366 9.87 41.40 -0.23
C GLU B 366 8.52 41.62 0.42
N VAL B 367 7.54 40.77 0.08
CA VAL B 367 6.22 40.86 0.69
C VAL B 367 6.26 40.64 2.22
N ASN B 368 7.08 39.69 2.67
CA ASN B 368 7.11 39.32 4.09
C ASN B 368 7.85 40.36 4.97
N LYS B 369 8.55 41.29 4.33
CA LYS B 369 9.11 42.47 5.04
C LYS B 369 8.01 43.50 5.30
P PGA C . -11.85 -2.69 3.76
O1P PGA C . -12.45 -3.82 4.63
O2P PGA C . -11.94 -1.38 4.51
O3P PGA C . -10.37 -2.98 3.50
O4P PGA C . -12.75 -2.72 2.57
C2 PGA C . -11.92 -4.19 5.92
C1 PGA C . -12.39 -5.59 6.28
O1 PGA C . -12.00 -6.08 7.33
O2 PGA C . -12.99 -6.31 5.43
P PGA D . 2.51 9.88 -8.15
O1P PGA D . 3.81 10.44 -8.77
O2P PGA D . 1.67 9.26 -9.27
O3P PGA D . 2.82 8.82 -7.13
O4P PGA D . 1.92 11.14 -7.64
C2 PGA D . 4.89 9.62 -9.23
C1 PGA D . 6.16 10.43 -9.25
O1 PGA D . 7.08 9.94 -9.93
O2 PGA D . 6.30 11.50 -8.60
#